data_6LCV
#
_entry.id   6LCV
#
_cell.length_a   194.683
_cell.length_b   194.683
_cell.length_c   200.354
_cell.angle_alpha   90.000
_cell.angle_beta   90.000
_cell.angle_gamma   120.000
#
_symmetry.space_group_name_H-M   'P 61 2 2'
#
loop_
_entity.id
_entity.type
_entity.pdbx_description
1 polymer MTSase
2 water water
#
_entity_poly.entity_id   1
_entity_poly.type   'polypeptide(L)'
_entity_poly.pdbx_seq_one_letter_code
;MPASTYRLQISAEFTLFDAARIVPYLHRLGADWLYLSPLLESEPGSSHGYDVVDHSRVDAARGGPEGLAELSRAAHERGM
GVVVDIVPNHVGVATPKANRWWWDVLARGQRSEYADYFDIDWEFGGGRLRLPVLGDGPDELDALRVDGDELVYYEHRFPI
AEGTGGGTPREVHDRQHYELMSWRRADHDLNYRRFFAVNTLAAVRVEDPRVFDDTHREIGRWIAEGLVDGLRVDHPDGLR
APGDYLRRLAELAQGRPIWVEKIIEGDERMPPQWPIAGTTGYDALAGIDRVLVDPAGEHPLTQIVDEAAGSPRRWAELVP
ERKRAVARGILNSEIRRVARELGEVAGDVEDALVEIAAALSVYRSYLPFGREHLDEAVAAAQAAAPQLEADLAAVGAALA
DPGNPAALRFQQTSGMIMAKGVEDNAFYRYPRLTSLTEVGGDPSLFAIDAAAFHAAQRDRAARLPESMTTLTTHDTKRSE
DTRARITALAEAPERWRRFLTEVGGLIGTGDRVLENLIWQAIVGAWPASRERLEAYALKAAREAGESTDWIDGDPAFEER
LTRLVTVAVEEPLVHELLERLVDELTAAGYSNGLAAKLLQLLAPGTPDVYQGTERWDRSLVDPDNRRPVDFAAASELLDR
LDGGWRPPVDETGAVKTLVVSRALRLRRDRPELFTAYHPVTARGAQAEHLIGFDRGGAIALATRLPLGLAAAGGWGDTVV
DVGERSLRDELTGREARGAARVAELFADYPVALLVETKLAAALEHHHHHH
;
_entity_poly.pdbx_strand_id   A
#
# COMPACT_ATOMS: atom_id res chain seq x y z
N PRO A 2 -6.34 20.61 1.35
CA PRO A 2 -6.04 20.57 2.79
C PRO A 2 -4.56 20.71 3.11
N ALA A 3 -4.30 21.02 4.38
CA ALA A 3 -2.94 21.18 4.84
C ALA A 3 -2.29 19.84 5.15
N SER A 4 -3.10 18.84 5.42
CA SER A 4 -2.66 17.47 5.71
C SER A 4 -3.90 16.61 5.81
N THR A 5 -3.70 15.30 5.63
CA THR A 5 -4.74 14.32 5.94
C THR A 5 -4.21 13.38 6.99
N TYR A 6 -5.11 12.98 7.90
CA TYR A 6 -4.80 12.02 8.95
C TYR A 6 -5.69 10.81 8.76
N ARG A 7 -5.06 9.65 8.56
CA ARG A 7 -5.76 8.43 8.15
C ARG A 7 -6.22 7.63 9.36
N LEU A 8 -7.51 7.30 9.41
CA LEU A 8 -8.10 6.57 10.52
C LEU A 8 -8.68 5.25 10.04
N GLN A 9 -8.28 4.15 10.67
CA GLN A 9 -8.90 2.84 10.40
C GLN A 9 -10.17 2.71 11.22
N ILE A 10 -11.32 2.94 10.58
CA ILE A 10 -12.63 2.86 11.22
C ILE A 10 -13.13 1.41 11.17
N SER A 11 -13.66 0.95 12.29
CA SER A 11 -14.08 -0.44 12.42
C SER A 11 -14.97 -0.55 13.65
N ALA A 12 -15.40 -1.76 13.94
CA ALA A 12 -16.23 -1.95 15.13
C ALA A 12 -15.48 -1.70 16.43
N GLU A 13 -14.14 -1.78 16.41
CA GLU A 13 -13.31 -1.48 17.57
C GLU A 13 -12.88 -0.02 17.62
N PHE A 14 -13.05 0.71 16.54
CA PHE A 14 -12.80 2.14 16.51
C PHE A 14 -13.86 2.76 15.60
N THR A 15 -15.02 3.07 16.19
CA THR A 15 -16.16 3.45 15.40
C THR A 15 -16.10 4.92 15.02
N LEU A 16 -17.04 5.35 14.17
CA LEU A 16 -17.14 6.75 13.84
C LEU A 16 -17.38 7.60 15.07
N PHE A 17 -17.99 7.02 16.11
CA PHE A 17 -18.15 7.74 17.35
C PHE A 17 -16.83 7.81 18.11
N ASP A 18 -16.10 6.70 18.16
CA ASP A 18 -14.75 6.72 18.72
C ASP A 18 -13.89 7.76 18.01
N ALA A 19 -13.95 7.77 16.67
CA ALA A 19 -13.17 8.77 15.93
C ALA A 19 -13.59 10.18 16.29
N ALA A 20 -14.89 10.43 16.45
CA ALA A 20 -15.31 11.80 16.76
C ALA A 20 -14.82 12.24 18.13
N ARG A 21 -14.58 11.29 19.04
CA ARG A 21 -14.09 11.64 20.36
C ARG A 21 -12.61 12.02 20.36
N ILE A 22 -11.83 11.55 19.39
CA ILE A 22 -10.43 11.95 19.31
C ILE A 22 -10.20 13.03 18.24
N VAL A 23 -11.28 13.60 17.69
CA VAL A 23 -11.11 14.75 16.80
C VAL A 23 -10.44 15.92 17.49
N PRO A 24 -10.75 16.26 18.75
CA PRO A 24 -10.05 17.39 19.38
C PRO A 24 -8.57 17.13 19.56
N TYR A 25 -8.17 15.91 19.93
CA TYR A 25 -6.74 15.61 20.00
C TYR A 25 -6.09 15.78 18.63
N LEU A 26 -6.75 15.30 17.57
CA LEU A 26 -6.17 15.47 16.24
C LEU A 26 -6.04 16.94 15.88
N HIS A 27 -7.04 17.78 16.21
CA HIS A 27 -6.88 19.21 15.96
C HIS A 27 -5.70 19.76 16.75
N ARG A 28 -5.59 19.39 18.02
CA ARG A 28 -4.42 19.74 18.84
C ARG A 28 -3.12 19.34 18.16
N LEU A 29 -3.06 18.11 17.64
CA LEU A 29 -1.86 17.63 16.97
C LEU A 29 -1.55 18.46 15.72
N GLY A 30 -2.58 19.05 15.11
CA GLY A 30 -2.45 19.89 13.93
C GLY A 30 -3.03 19.32 12.64
N ALA A 31 -3.72 18.18 12.69
CA ALA A 31 -4.31 17.62 11.48
C ALA A 31 -5.35 18.59 10.91
N ASP A 32 -5.48 18.57 9.59
CA ASP A 32 -6.47 19.42 8.91
C ASP A 32 -7.69 18.60 8.52
N TRP A 33 -7.49 17.51 7.78
CA TRP A 33 -8.60 16.67 7.32
C TRP A 33 -8.44 15.27 7.87
N LEU A 34 -9.58 14.70 8.29
CA LEU A 34 -9.67 13.29 8.61
C LEU A 34 -9.86 12.46 7.34
N TYR A 35 -9.03 11.44 7.21
CA TYR A 35 -9.05 10.51 6.05
C TYR A 35 -9.55 9.18 6.56
N LEU A 36 -10.83 8.91 6.38
CA LEU A 36 -11.45 7.67 6.92
C LEU A 36 -11.45 6.55 5.88
N SER A 37 -11.51 5.33 6.37
CA SER A 37 -11.54 4.10 5.54
C SER A 37 -12.95 3.83 5.06
N PRO A 38 -13.19 2.83 4.21
CA PRO A 38 -14.52 2.57 3.68
C PRO A 38 -15.64 2.47 4.72
N LEU A 39 -16.72 3.24 4.53
CA LEU A 39 -17.81 3.35 5.52
C LEU A 39 -19.11 2.72 5.05
N LEU A 40 -19.23 2.28 3.81
CA LEU A 40 -20.48 1.62 3.40
C LEU A 40 -20.51 0.26 4.07
N GLU A 41 -21.70 -0.21 4.45
CA GLU A 41 -21.92 -1.49 5.16
C GLU A 41 -21.11 -2.60 4.53
N SER A 42 -20.20 -3.20 5.30
CA SER A 42 -19.33 -4.29 4.79
C SER A 42 -19.80 -5.64 5.35
N GLU A 43 -18.97 -6.68 5.21
CA GLU A 43 -19.30 -8.05 5.70
C GLU A 43 -19.31 -8.04 7.24
N PRO A 44 -20.28 -8.71 7.91
CA PRO A 44 -20.34 -8.75 9.37
C PRO A 44 -19.00 -9.19 9.97
N GLY A 45 -18.22 -8.25 10.52
CA GLY A 45 -16.93 -8.56 11.13
C GLY A 45 -15.76 -8.06 10.30
N SER A 46 -16.03 -7.16 9.36
CA SER A 46 -14.99 -6.60 8.47
C SER A 46 -14.14 -5.58 9.25
N SER A 47 -12.81 -5.77 9.25
CA SER A 47 -11.89 -4.85 9.97
C SER A 47 -11.21 -3.90 8.97
N HIS A 48 -11.83 -3.72 7.82
CA HIS A 48 -11.26 -2.81 6.81
C HIS A 48 -12.38 -2.19 6.00
N GLY A 49 -13.41 -2.96 5.65
CA GLY A 49 -14.55 -2.38 4.94
C GLY A 49 -14.39 -2.40 3.45
N TYR A 50 -13.43 -3.15 2.93
CA TYR A 50 -13.24 -3.22 1.46
C TYR A 50 -14.15 -4.30 0.89
N ASP A 51 -14.78 -5.08 1.76
CA ASP A 51 -15.77 -6.04 1.27
C ASP A 51 -17.18 -5.47 1.49
N VAL A 52 -17.58 -4.55 0.61
CA VAL A 52 -18.91 -3.95 0.73
C VAL A 52 -20.00 -4.97 0.43
N VAL A 53 -21.11 -4.92 1.17
CA VAL A 53 -22.21 -5.84 0.92
C VAL A 53 -23.53 -5.10 0.78
N ASP A 54 -23.53 -3.80 1.05
CA ASP A 54 -24.74 -3.00 0.94
C ASP A 54 -24.33 -1.54 0.76
N HIS A 55 -24.44 -1.03 -0.45
CA HIS A 55 -24.04 0.34 -0.77
C HIS A 55 -25.06 1.39 -0.32
N SER A 56 -26.12 0.99 0.38
CA SER A 56 -27.20 1.91 0.67
C SER A 56 -27.07 2.63 2.01
N ARG A 57 -26.13 2.22 2.87
CA ARG A 57 -26.08 2.79 4.20
C ARG A 57 -24.67 2.72 4.77
N VAL A 58 -24.37 3.67 5.66
CA VAL A 58 -23.13 3.57 6.43
C VAL A 58 -23.17 2.30 7.28
N ASP A 59 -22.03 1.60 7.31
CA ASP A 59 -21.90 0.37 8.08
C ASP A 59 -22.37 0.57 9.51
N ALA A 60 -23.32 -0.28 9.94
CA ALA A 60 -23.92 -0.10 11.27
C ALA A 60 -22.91 -0.34 12.37
N ALA A 61 -22.06 -1.35 12.21
CA ALA A 61 -21.03 -1.67 13.19
C ALA A 61 -20.08 -0.50 13.43
N ARG A 62 -19.89 0.37 12.43
CA ARG A 62 -19.02 1.52 12.53
C ARG A 62 -19.73 2.76 13.03
N GLY A 63 -21.02 2.65 13.37
CA GLY A 63 -21.81 3.77 13.87
C GLY A 63 -22.99 4.17 13.00
N GLY A 64 -23.15 3.57 11.82
CA GLY A 64 -24.19 3.95 10.90
C GLY A 64 -24.19 5.42 10.53
N PRO A 65 -25.31 5.91 9.99
CA PRO A 65 -25.35 7.31 9.56
C PRO A 65 -25.24 8.29 10.72
N GLU A 66 -25.78 7.94 11.89
CA GLU A 66 -25.62 8.80 13.06
C GLU A 66 -24.15 9.01 13.38
N GLY A 67 -23.35 7.93 13.24
CA GLY A 67 -21.93 8.04 13.51
C GLY A 67 -21.22 8.95 12.51
N LEU A 68 -21.47 8.73 11.22
CA LEU A 68 -20.89 9.62 10.22
C LEU A 68 -21.27 11.07 10.51
N ALA A 69 -22.55 11.28 10.79
CA ALA A 69 -23.03 12.63 11.06
C ALA A 69 -22.31 13.26 12.25
N GLU A 70 -22.10 12.49 13.33
CA GLU A 70 -21.41 13.02 14.49
C GLU A 70 -19.96 13.33 14.19
N LEU A 71 -19.26 12.40 13.54
CA LEU A 71 -17.88 12.66 13.18
C LEU A 71 -17.76 13.89 12.29
N SER A 72 -18.58 13.94 11.25
CA SER A 72 -18.57 15.11 10.37
C SER A 72 -18.80 16.40 11.16
N ARG A 73 -19.78 16.39 12.08
CA ARG A 73 -20.06 17.58 12.87
C ARG A 73 -18.88 17.95 13.77
N ALA A 74 -18.29 16.96 14.44
CA ALA A 74 -17.09 17.22 15.23
C ALA A 74 -16.01 17.86 14.38
N ALA A 75 -15.71 17.29 13.21
CA ALA A 75 -14.64 17.82 12.40
C ALA A 75 -14.98 19.20 11.86
N HIS A 76 -16.22 19.40 11.43
CA HIS A 76 -16.54 20.66 10.74
C HIS A 76 -16.65 21.83 11.71
N GLU A 77 -17.16 21.60 12.92
CA GLU A 77 -17.22 22.69 13.89
C GLU A 77 -15.85 23.20 14.28
N ARG A 78 -14.79 22.50 13.89
CA ARG A 78 -13.42 22.88 14.19
C ARG A 78 -12.65 23.32 12.95
N GLY A 79 -13.33 23.53 11.83
CA GLY A 79 -12.66 23.91 10.61
C GLY A 79 -11.98 22.78 9.89
N MET A 80 -12.16 21.55 10.36
CA MET A 80 -11.48 20.42 9.77
C MET A 80 -12.30 19.85 8.63
N GLY A 81 -11.69 18.90 7.91
CA GLY A 81 -12.32 18.33 6.74
C GLY A 81 -12.42 16.82 6.86
N VAL A 82 -13.26 16.21 6.01
CA VAL A 82 -13.42 14.76 6.00
C VAL A 82 -13.31 14.27 4.55
N VAL A 83 -12.35 13.38 4.30
CA VAL A 83 -12.24 12.65 3.04
C VAL A 83 -12.44 11.18 3.36
N VAL A 84 -13.29 10.51 2.57
CA VAL A 84 -13.69 9.12 2.82
C VAL A 84 -13.19 8.23 1.68
N ASP A 85 -12.61 7.10 2.07
CA ASP A 85 -12.23 6.03 1.17
C ASP A 85 -13.48 5.37 0.59
N ILE A 86 -13.60 5.30 -0.75
CA ILE A 86 -14.72 4.56 -1.34
C ILE A 86 -14.18 3.44 -2.22
N VAL A 87 -15.00 2.39 -2.38
CA VAL A 87 -14.55 1.16 -3.01
C VAL A 87 -15.41 0.84 -4.22
N PRO A 88 -15.12 1.43 -5.39
CA PRO A 88 -16.04 1.33 -6.53
C PRO A 88 -15.95 0.04 -7.33
N ASN A 89 -14.89 -0.73 -7.19
CA ASN A 89 -14.61 -1.80 -8.15
C ASN A 89 -15.26 -3.13 -7.80
N HIS A 90 -15.46 -3.45 -6.52
CA HIS A 90 -15.82 -4.81 -6.16
C HIS A 90 -16.59 -4.81 -4.84
N VAL A 91 -17.23 -5.96 -4.57
CA VAL A 91 -18.08 -6.16 -3.40
C VAL A 91 -17.71 -7.47 -2.73
N GLY A 92 -18.09 -7.60 -1.46
CA GLY A 92 -17.77 -8.78 -0.68
C GLY A 92 -18.79 -9.88 -0.92
N VAL A 93 -18.30 -11.10 -1.13
CA VAL A 93 -19.17 -12.28 -1.39
C VAL A 93 -18.80 -13.39 -0.41
N ALA A 94 -17.96 -13.09 0.59
CA ALA A 94 -17.55 -14.09 1.60
C ALA A 94 -18.82 -14.72 2.20
N THR A 95 -19.75 -13.87 2.66
CA THR A 95 -21.03 -14.33 3.23
C THR A 95 -22.15 -13.94 2.26
N PRO A 96 -22.52 -14.79 1.28
CA PRO A 96 -23.57 -14.46 0.31
C PRO A 96 -24.87 -13.96 0.97
N LYS A 97 -25.32 -14.65 2.02
CA LYS A 97 -26.56 -14.27 2.75
C LYS A 97 -26.47 -12.82 3.22
N ALA A 98 -25.36 -12.13 2.94
CA ALA A 98 -25.23 -10.75 3.36
C ALA A 98 -25.13 -9.78 2.19
N ASN A 99 -24.96 -10.29 0.97
CA ASN A 99 -24.87 -9.46 -0.24
C ASN A 99 -26.11 -9.73 -1.07
N ARG A 100 -27.16 -8.94 -0.80
CA ARG A 100 -28.46 -9.16 -1.41
C ARG A 100 -28.37 -9.24 -2.93
N TRP A 101 -27.48 -8.44 -3.54
CA TRP A 101 -27.28 -8.51 -4.98
C TRP A 101 -26.70 -9.84 -5.40
N TRP A 102 -25.63 -10.29 -4.73
CA TRP A 102 -25.03 -11.57 -5.07
C TRP A 102 -26.01 -12.71 -4.84
N TRP A 103 -26.78 -12.64 -3.76
CA TRP A 103 -27.74 -13.69 -3.43
C TRP A 103 -28.75 -13.88 -4.55
N ASP A 104 -29.30 -12.77 -5.05
CA ASP A 104 -30.30 -12.84 -6.10
C ASP A 104 -29.73 -13.44 -7.39
N VAL A 105 -28.46 -13.15 -7.68
CA VAL A 105 -27.86 -13.74 -8.88
C VAL A 105 -27.67 -15.24 -8.71
N LEU A 106 -27.34 -15.69 -7.50
CA LEU A 106 -27.29 -17.12 -7.23
C LEU A 106 -28.67 -17.75 -7.31
N ALA A 107 -29.69 -17.01 -6.87
CA ALA A 107 -31.04 -17.57 -6.78
C ALA A 107 -31.76 -17.57 -8.12
N ARG A 108 -31.42 -16.63 -9.02
CA ARG A 108 -32.15 -16.45 -10.27
C ARG A 108 -31.29 -16.38 -11.52
N GLY A 109 -29.96 -16.48 -11.39
CA GLY A 109 -29.08 -16.52 -12.56
C GLY A 109 -29.23 -15.29 -13.41
N GLN A 110 -29.05 -15.46 -14.73
CA GLN A 110 -29.12 -14.35 -15.67
C GLN A 110 -30.49 -13.67 -15.71
N ARG A 111 -31.53 -14.26 -15.11
CA ARG A 111 -32.82 -13.62 -14.95
C ARG A 111 -32.88 -12.69 -13.74
N SER A 112 -31.85 -12.65 -12.91
CA SER A 112 -31.78 -11.67 -11.83
C SER A 112 -31.64 -10.26 -12.38
N GLU A 113 -32.38 -9.33 -11.77
CA GLU A 113 -32.21 -7.93 -12.15
C GLU A 113 -30.82 -7.43 -11.81
N TYR A 114 -30.10 -8.11 -10.90
CA TYR A 114 -28.74 -7.73 -10.53
C TYR A 114 -27.68 -8.55 -11.26
N ALA A 115 -28.07 -9.26 -12.33
CA ALA A 115 -27.12 -10.17 -12.99
C ALA A 115 -26.04 -9.41 -13.77
N ASP A 116 -26.40 -8.37 -14.48
CA ASP A 116 -25.37 -7.60 -15.19
C ASP A 116 -24.73 -6.53 -14.30
N TYR A 117 -24.93 -6.61 -12.97
CA TYR A 117 -24.13 -5.80 -12.07
C TYR A 117 -22.72 -6.37 -11.90
N PHE A 118 -22.52 -7.65 -12.14
CA PHE A 118 -21.23 -8.32 -12.04
C PHE A 118 -20.67 -8.61 -13.43
N ASP A 119 -19.45 -9.16 -13.45
CA ASP A 119 -18.68 -9.40 -14.68
C ASP A 119 -18.48 -10.91 -14.85
N ILE A 120 -19.46 -11.58 -15.46
CA ILE A 120 -19.55 -13.03 -15.43
C ILE A 120 -19.48 -13.58 -16.85
N ASP A 121 -18.53 -14.49 -17.07
CA ASP A 121 -18.48 -15.29 -18.28
C ASP A 121 -19.39 -16.49 -18.03
N TRP A 122 -20.66 -16.33 -18.42
CA TRP A 122 -21.62 -17.41 -18.22
C TRP A 122 -21.36 -18.56 -19.16
N GLU A 123 -21.03 -18.27 -20.43
CA GLU A 123 -20.85 -19.33 -21.40
C GLU A 123 -19.63 -20.19 -21.08
N PHE A 124 -18.57 -19.59 -20.51
CA PHE A 124 -17.43 -20.39 -20.07
C PHE A 124 -17.82 -21.39 -18.98
N GLY A 125 -18.78 -21.02 -18.14
CA GLY A 125 -19.27 -21.85 -17.06
C GLY A 125 -20.39 -22.80 -17.43
N GLY A 126 -20.71 -22.90 -18.72
CA GLY A 126 -21.84 -23.68 -19.14
C GLY A 126 -23.14 -23.16 -18.53
N GLY A 127 -23.32 -21.83 -18.57
CA GLY A 127 -24.51 -21.20 -18.01
C GLY A 127 -24.59 -21.19 -16.50
N ARG A 128 -23.45 -21.35 -15.82
CA ARG A 128 -23.44 -21.44 -14.36
C ARG A 128 -22.33 -20.58 -13.79
N LEU A 129 -22.55 -20.06 -12.58
CA LEU A 129 -21.62 -19.20 -11.88
C LEU A 129 -20.78 -20.06 -10.94
N ARG A 130 -19.49 -20.20 -11.24
CA ARG A 130 -18.63 -21.12 -10.49
C ARG A 130 -18.18 -20.46 -9.19
N LEU A 131 -18.55 -21.08 -8.07
CA LEU A 131 -18.16 -20.60 -6.75
C LEU A 131 -17.09 -21.51 -6.16
N PRO A 132 -15.83 -21.04 -6.05
CA PRO A 132 -14.70 -21.88 -5.58
C PRO A 132 -14.65 -22.02 -4.06
N VAL A 133 -15.67 -22.69 -3.51
CA VAL A 133 -15.87 -22.74 -2.06
C VAL A 133 -15.56 -24.12 -1.46
N LEU A 134 -15.57 -25.19 -2.25
CA LEU A 134 -15.34 -26.53 -1.72
C LEU A 134 -13.85 -26.81 -1.55
N GLY A 135 -13.54 -27.73 -0.62
CA GLY A 135 -12.18 -28.18 -0.42
C GLY A 135 -11.73 -29.13 -1.52
N ASP A 136 -10.42 -29.38 -1.57
CA ASP A 136 -9.83 -30.13 -2.66
C ASP A 136 -10.01 -31.64 -2.53
N GLY A 137 -10.27 -32.14 -1.31
CA GLY A 137 -10.44 -33.56 -1.10
C GLY A 137 -11.61 -34.12 -1.90
N PRO A 138 -11.52 -35.38 -2.32
CA PRO A 138 -12.61 -35.97 -3.10
C PRO A 138 -13.80 -36.26 -2.20
N ASP A 139 -14.96 -36.41 -2.84
CA ASP A 139 -16.21 -36.66 -2.12
C ASP A 139 -16.58 -35.46 -1.23
N GLU A 140 -16.32 -34.25 -1.72
CA GLU A 140 -16.64 -33.07 -0.91
C GLU A 140 -18.14 -32.88 -0.78
N LEU A 141 -18.86 -33.08 -1.87
CA LEU A 141 -20.29 -32.76 -1.94
C LEU A 141 -21.16 -33.70 -1.10
N ASP A 142 -20.58 -34.76 -0.52
CA ASP A 142 -21.38 -35.56 0.41
C ASP A 142 -21.70 -34.77 1.67
N ALA A 143 -20.93 -33.71 1.95
CA ALA A 143 -21.25 -32.79 3.03
C ALA A 143 -22.36 -31.81 2.66
N LEU A 144 -22.78 -31.81 1.39
CA LEU A 144 -23.85 -30.93 0.96
C LEU A 144 -25.18 -31.39 1.56
N ARG A 145 -25.79 -30.51 2.37
CA ARG A 145 -27.09 -30.76 2.97
C ARG A 145 -28.08 -29.74 2.43
N VAL A 146 -29.37 -30.11 2.47
CA VAL A 146 -30.47 -29.19 2.17
C VAL A 146 -31.13 -28.83 3.50
N ASP A 147 -31.40 -27.52 3.69
CA ASP A 147 -31.96 -26.96 4.94
C ASP A 147 -33.04 -25.95 4.52
N GLY A 148 -34.23 -26.47 4.24
CA GLY A 148 -35.31 -25.62 3.79
C GLY A 148 -35.08 -25.21 2.35
N ASP A 149 -35.08 -23.90 2.11
CA ASP A 149 -34.84 -23.33 0.79
C ASP A 149 -33.38 -22.99 0.55
N GLU A 150 -32.43 -23.75 1.12
CA GLU A 150 -31.01 -23.42 1.04
C GLU A 150 -30.16 -24.69 0.92
N LEU A 151 -29.13 -24.63 0.06
CA LEU A 151 -28.06 -25.62 0.06
C LEU A 151 -27.00 -25.20 1.09
N VAL A 152 -26.49 -26.16 1.83
CA VAL A 152 -25.54 -25.86 2.89
C VAL A 152 -24.28 -26.69 2.70
N TYR A 153 -23.12 -26.04 2.81
CA TYR A 153 -21.81 -26.71 2.78
C TYR A 153 -21.03 -26.18 3.97
N TYR A 154 -21.01 -26.96 5.05
CA TYR A 154 -20.52 -26.56 6.37
C TYR A 154 -21.20 -25.26 6.79
N GLU A 155 -20.46 -24.16 6.84
CA GLU A 155 -21.05 -22.90 7.27
C GLU A 155 -21.43 -21.99 6.10
N HIS A 156 -21.25 -22.45 4.87
CA HIS A 156 -21.66 -21.71 3.69
C HIS A 156 -23.10 -22.06 3.32
N ARG A 157 -23.88 -21.05 2.93
CA ARG A 157 -25.28 -21.24 2.53
C ARG A 157 -25.53 -20.55 1.21
N PHE A 158 -26.25 -21.24 0.33
CA PHE A 158 -26.58 -20.78 -1.01
C PHE A 158 -28.07 -20.99 -1.28
N PRO A 159 -28.68 -20.15 -2.11
CA PRO A 159 -30.13 -20.27 -2.33
C PRO A 159 -30.49 -21.43 -3.24
N ILE A 160 -31.70 -21.92 -3.07
CA ILE A 160 -32.29 -22.95 -3.93
C ILE A 160 -33.18 -22.25 -4.94
N ALA A 161 -32.81 -22.28 -6.22
CA ALA A 161 -33.63 -21.67 -7.25
C ALA A 161 -35.03 -22.29 -7.21
N GLU A 162 -36.06 -21.44 -7.28
CA GLU A 162 -37.41 -21.91 -7.03
C GLU A 162 -37.82 -22.96 -8.06
N GLY A 163 -38.42 -24.04 -7.58
CA GLY A 163 -38.83 -25.13 -8.44
C GLY A 163 -37.73 -26.11 -8.75
N THR A 164 -36.63 -26.09 -7.99
CA THR A 164 -35.51 -27.00 -8.20
C THR A 164 -35.25 -27.88 -6.97
N GLY A 165 -36.11 -27.83 -5.94
CA GLY A 165 -35.91 -28.65 -4.75
C GLY A 165 -36.34 -30.11 -4.94
N GLY A 166 -35.98 -30.93 -3.97
CA GLY A 166 -36.30 -32.34 -4.00
C GLY A 166 -35.20 -33.22 -4.59
N GLY A 167 -35.03 -34.43 -4.06
CA GLY A 167 -33.98 -35.34 -4.49
C GLY A 167 -32.77 -35.25 -3.58
N THR A 168 -31.68 -35.89 -4.00
CA THR A 168 -30.41 -35.80 -3.28
C THR A 168 -30.01 -34.34 -3.15
N PRO A 169 -29.22 -33.99 -2.15
CA PRO A 169 -28.61 -32.65 -2.15
C PRO A 169 -27.81 -32.42 -3.42
N ARG A 170 -27.13 -33.45 -3.92
CA ARG A 170 -26.39 -33.26 -5.16
C ARG A 170 -27.32 -33.00 -6.34
N GLU A 171 -28.47 -33.69 -6.41
CA GLU A 171 -29.39 -33.49 -7.53
C GLU A 171 -29.95 -32.07 -7.56
N VAL A 172 -30.10 -31.46 -6.37
CA VAL A 172 -30.55 -30.08 -6.29
C VAL A 172 -29.42 -29.13 -6.69
N HIS A 173 -28.19 -29.47 -6.30
CA HIS A 173 -27.05 -28.62 -6.63
C HIS A 173 -26.88 -28.52 -8.15
N ASP A 174 -27.05 -29.62 -8.89
CA ASP A 174 -26.84 -29.57 -10.32
C ASP A 174 -27.96 -28.89 -11.07
N ARG A 175 -29.03 -28.49 -10.38
CA ARG A 175 -30.11 -27.70 -10.99
C ARG A 175 -29.93 -26.20 -10.80
N GLN A 176 -28.93 -25.78 -10.03
CA GLN A 176 -28.80 -24.39 -9.62
C GLN A 176 -28.02 -23.58 -10.66
N HIS A 177 -28.19 -22.25 -10.60
CA HIS A 177 -27.46 -21.37 -11.50
C HIS A 177 -25.99 -21.20 -11.12
N TYR A 178 -25.59 -21.68 -9.95
CA TYR A 178 -24.21 -21.68 -9.53
C TYR A 178 -23.70 -23.12 -9.45
N GLU A 179 -22.38 -23.27 -9.50
CA GLU A 179 -21.75 -24.57 -9.37
C GLU A 179 -20.65 -24.45 -8.33
N LEU A 180 -20.82 -25.11 -7.19
CA LEU A 180 -19.75 -25.15 -6.20
C LEU A 180 -18.64 -26.03 -6.72
N MET A 181 -17.41 -25.53 -6.69
CA MET A 181 -16.25 -26.22 -7.22
C MET A 181 -15.13 -26.13 -6.18
N SER A 182 -14.02 -26.80 -6.46
CA SER A 182 -12.89 -26.78 -5.54
C SER A 182 -12.18 -25.43 -5.59
N TRP A 183 -11.67 -25.01 -4.42
CA TRP A 183 -10.97 -23.73 -4.35
C TRP A 183 -9.74 -23.69 -5.25
N ARG A 184 -9.10 -24.83 -5.50
CA ARG A 184 -7.93 -24.86 -6.38
C ARG A 184 -8.30 -24.62 -7.83
N ARG A 185 -9.57 -24.82 -8.19
CA ARG A 185 -10.00 -24.54 -9.55
C ARG A 185 -10.12 -23.05 -9.83
N ALA A 186 -10.04 -22.20 -8.80
CA ALA A 186 -10.14 -20.76 -9.02
C ALA A 186 -8.93 -20.19 -9.74
N ASP A 187 -7.80 -20.90 -9.74
CA ASP A 187 -6.63 -20.45 -10.48
C ASP A 187 -6.88 -20.41 -11.99
N HIS A 188 -7.73 -21.29 -12.52
CA HIS A 188 -7.81 -21.50 -13.96
C HIS A 188 -9.21 -21.48 -14.55
N ASP A 189 -10.23 -21.90 -13.79
CA ASP A 189 -11.55 -22.13 -14.34
C ASP A 189 -12.58 -21.12 -13.85
N LEU A 190 -12.15 -20.04 -13.19
CA LEU A 190 -13.11 -19.08 -12.66
C LEU A 190 -13.73 -18.24 -13.79
N ASN A 191 -15.03 -17.95 -13.64
CA ASN A 191 -15.81 -17.30 -14.68
C ASN A 191 -16.51 -16.04 -14.17
N TYR A 192 -15.98 -15.43 -13.11
CA TYR A 192 -16.40 -14.09 -12.74
C TYR A 192 -15.17 -13.26 -12.41
N ARG A 193 -15.24 -11.98 -12.73
CA ARG A 193 -14.13 -11.07 -12.45
C ARG A 193 -14.07 -10.77 -10.95
N ARG A 194 -12.86 -10.84 -10.40
CA ARG A 194 -12.65 -10.69 -8.98
C ARG A 194 -11.54 -9.67 -8.76
N PHE A 195 -11.36 -9.28 -7.51
CA PHE A 195 -10.27 -8.39 -7.16
C PHE A 195 -9.04 -9.20 -6.76
N PHE A 196 -7.91 -8.88 -7.39
CA PHE A 196 -6.64 -9.60 -7.22
C PHE A 196 -6.93 -11.08 -7.42
N ALA A 197 -6.44 -11.97 -6.55
CA ALA A 197 -6.78 -13.39 -6.60
C ALA A 197 -7.70 -13.75 -5.44
N VAL A 198 -8.52 -12.80 -5.03
CA VAL A 198 -9.40 -12.96 -3.87
C VAL A 198 -10.78 -13.31 -4.40
N ASN A 199 -11.18 -14.56 -4.22
CA ASN A 199 -12.44 -15.04 -4.77
C ASN A 199 -13.63 -14.41 -4.07
N THR A 200 -13.47 -13.96 -2.83
CA THR A 200 -14.54 -13.37 -2.04
C THR A 200 -14.75 -11.89 -2.31
N LEU A 201 -14.10 -11.36 -3.34
CA LEU A 201 -14.27 -9.99 -3.79
C LEU A 201 -14.68 -10.04 -5.26
N ALA A 202 -15.96 -9.84 -5.53
CA ALA A 202 -16.50 -9.88 -6.88
C ALA A 202 -16.60 -8.46 -7.42
N ALA A 203 -16.11 -8.26 -8.65
CA ALA A 203 -16.16 -6.94 -9.27
C ALA A 203 -17.58 -6.60 -9.72
N VAL A 204 -17.91 -5.30 -9.65
CA VAL A 204 -19.21 -4.80 -10.13
C VAL A 204 -18.97 -3.84 -11.29
N ARG A 205 -19.89 -3.86 -12.27
CA ARG A 205 -19.67 -3.18 -13.54
C ARG A 205 -20.08 -1.71 -13.41
N VAL A 206 -19.26 -0.97 -12.65
CA VAL A 206 -19.61 0.36 -12.21
C VAL A 206 -19.57 1.34 -13.38
N GLU A 207 -19.17 0.86 -14.56
CA GLU A 207 -19.25 1.63 -15.80
C GLU A 207 -20.66 1.65 -16.37
N ASP A 208 -21.54 0.82 -15.85
CA ASP A 208 -22.93 0.88 -16.20
C ASP A 208 -23.58 1.99 -15.36
N PRO A 209 -24.16 3.02 -15.99
CA PRO A 209 -24.80 4.08 -15.20
C PRO A 209 -25.75 3.56 -14.13
N ARG A 210 -26.55 2.54 -14.43
CA ARG A 210 -27.45 1.97 -13.44
C ARG A 210 -26.67 1.43 -12.23
N VAL A 211 -25.50 0.81 -12.48
CA VAL A 211 -24.72 0.27 -11.38
C VAL A 211 -24.05 1.39 -10.59
N PHE A 212 -23.47 2.38 -11.29
CA PHE A 212 -22.90 3.53 -10.61
C PHE A 212 -23.91 4.20 -9.69
N ASP A 213 -25.13 4.44 -10.20
CA ASP A 213 -26.13 5.11 -9.38
C ASP A 213 -26.42 4.32 -8.11
N ASP A 214 -26.49 2.98 -8.20
CA ASP A 214 -26.80 2.20 -7.01
C ASP A 214 -25.64 2.10 -6.05
N THR A 215 -24.42 2.00 -6.56
CA THR A 215 -23.26 1.87 -5.69
C THR A 215 -22.85 3.21 -5.08
N HIS A 216 -23.28 4.33 -5.65
CA HIS A 216 -22.80 5.63 -5.19
C HIS A 216 -23.91 6.51 -4.64
N ARG A 217 -25.10 5.98 -4.36
CA ARG A 217 -26.19 6.85 -3.95
C ARG A 217 -25.96 7.41 -2.56
N GLU A 218 -25.55 6.56 -1.61
CA GLU A 218 -25.28 7.03 -0.26
C GLU A 218 -24.01 7.88 -0.22
N ILE A 219 -22.97 7.49 -0.97
CA ILE A 219 -21.81 8.36 -1.15
C ILE A 219 -22.25 9.72 -1.67
N GLY A 220 -23.15 9.74 -2.65
CA GLY A 220 -23.64 11.00 -3.14
C GLY A 220 -24.41 11.79 -2.09
N ARG A 221 -25.05 11.08 -1.14
CA ARG A 221 -25.77 11.79 -0.09
C ARG A 221 -24.81 12.52 0.84
N TRP A 222 -23.68 11.89 1.16
CA TRP A 222 -22.65 12.51 1.99
C TRP A 222 -22.22 13.84 1.39
N ILE A 223 -21.96 13.86 0.09
CA ILE A 223 -21.57 15.08 -0.59
C ILE A 223 -22.70 16.10 -0.51
N ALA A 224 -23.90 15.68 -0.89
CA ALA A 224 -24.99 16.64 -1.03
C ALA A 224 -25.30 17.30 0.31
N GLU A 225 -25.24 16.54 1.40
CA GLU A 225 -25.63 17.04 2.70
C GLU A 225 -24.46 17.59 3.52
N GLY A 226 -23.29 17.77 2.90
CA GLY A 226 -22.17 18.41 3.56
C GLY A 226 -21.39 17.56 4.53
N LEU A 227 -21.60 16.24 4.52
CA LEU A 227 -20.91 15.38 5.47
C LEU A 227 -19.45 15.15 5.11
N VAL A 228 -19.15 15.13 3.82
CA VAL A 228 -17.85 14.72 3.32
C VAL A 228 -17.33 15.78 2.36
N ASP A 229 -16.02 16.02 2.40
CA ASP A 229 -15.38 17.12 1.72
C ASP A 229 -14.49 16.66 0.56
N GLY A 230 -14.17 15.37 0.47
CA GLY A 230 -13.39 14.81 -0.63
C GLY A 230 -13.51 13.31 -0.60
N LEU A 231 -13.00 12.66 -1.65
CA LEU A 231 -13.06 11.22 -1.76
C LEU A 231 -11.69 10.67 -2.15
N ARG A 232 -11.40 9.46 -1.67
CA ARG A 232 -10.23 8.68 -2.05
C ARG A 232 -10.72 7.39 -2.70
N VAL A 233 -10.34 7.17 -3.95
CA VAL A 233 -10.88 6.07 -4.76
C VAL A 233 -9.99 4.85 -4.59
N ASP A 234 -10.57 3.73 -4.15
CA ASP A 234 -9.82 2.49 -4.04
C ASP A 234 -9.67 1.85 -5.40
N HIS A 235 -8.45 1.52 -5.75
CA HIS A 235 -8.12 0.68 -6.91
C HIS A 235 -8.79 1.08 -8.22
N PRO A 236 -8.66 2.33 -8.65
CA PRO A 236 -9.24 2.68 -9.96
C PRO A 236 -8.68 1.82 -11.08
N ASP A 237 -7.47 1.30 -10.94
CA ASP A 237 -6.88 0.55 -12.03
C ASP A 237 -7.60 -0.76 -12.34
N GLY A 238 -8.51 -1.19 -11.48
CA GLY A 238 -9.32 -2.33 -11.84
C GLY A 238 -10.55 -2.02 -12.65
N LEU A 239 -10.84 -0.73 -12.90
CA LEU A 239 -12.07 -0.32 -13.56
C LEU A 239 -11.96 -0.39 -15.07
N ARG A 240 -13.11 -0.61 -15.72
CA ARG A 240 -13.11 -0.79 -17.17
C ARG A 240 -12.89 0.53 -17.88
N ALA A 241 -13.46 1.60 -17.35
CA ALA A 241 -13.30 2.94 -17.91
C ALA A 241 -12.99 3.87 -16.74
N PRO A 242 -11.76 3.81 -16.22
CA PRO A 242 -11.45 4.66 -15.06
C PRO A 242 -11.56 6.15 -15.35
N GLY A 243 -11.16 6.56 -16.55
CA GLY A 243 -11.40 7.94 -16.95
C GLY A 243 -12.86 8.34 -16.84
N ASP A 244 -13.77 7.54 -17.44
CA ASP A 244 -15.19 7.82 -17.36
C ASP A 244 -15.67 7.83 -15.91
N TYR A 245 -15.21 6.86 -15.11
CA TYR A 245 -15.62 6.79 -13.71
C TYR A 245 -15.28 8.07 -12.95
N LEU A 246 -14.03 8.52 -13.04
CA LEU A 246 -13.61 9.73 -12.32
C LEU A 246 -14.36 10.96 -12.81
N ARG A 247 -14.69 11.04 -14.11
CA ARG A 247 -15.52 12.15 -14.57
C ARG A 247 -16.89 12.14 -13.89
N ARG A 248 -17.54 10.96 -13.85
CA ARG A 248 -18.84 10.86 -13.20
C ARG A 248 -18.73 11.08 -11.70
N LEU A 249 -17.64 10.59 -11.09
CA LEU A 249 -17.48 10.82 -9.66
C LEU A 249 -17.23 12.30 -9.37
N ALA A 250 -16.53 12.98 -10.26
CA ALA A 250 -16.27 14.40 -10.02
C ALA A 250 -17.56 15.20 -9.99
N GLU A 251 -18.55 14.81 -10.81
CA GLU A 251 -19.80 15.56 -10.77
C GLU A 251 -20.66 15.10 -9.62
N LEU A 252 -20.52 13.85 -9.20
CA LEU A 252 -21.16 13.43 -7.95
C LEU A 252 -20.57 14.16 -6.76
N ALA A 253 -19.24 14.32 -6.74
CA ALA A 253 -18.53 15.04 -5.68
C ALA A 253 -18.60 16.55 -5.83
N GLN A 254 -19.32 17.05 -6.84
CA GLN A 254 -19.52 18.48 -7.05
C GLN A 254 -18.20 19.25 -7.07
N GLY A 255 -17.22 18.69 -7.77
CA GLY A 255 -15.94 19.34 -7.95
C GLY A 255 -15.04 19.31 -6.75
N ARG A 256 -15.41 18.56 -5.72
CA ARG A 256 -14.58 18.40 -4.53
C ARG A 256 -13.38 17.50 -4.84
N PRO A 257 -12.32 17.60 -4.03
CA PRO A 257 -11.07 16.89 -4.36
C PRO A 257 -11.23 15.38 -4.32
N ILE A 258 -10.65 14.73 -5.32
CA ILE A 258 -10.65 13.28 -5.43
C ILE A 258 -9.21 12.84 -5.53
N TRP A 259 -8.79 11.93 -4.65
CA TRP A 259 -7.49 11.30 -4.76
C TRP A 259 -7.68 9.85 -5.18
N VAL A 260 -6.71 9.32 -5.95
CA VAL A 260 -6.76 7.93 -6.43
C VAL A 260 -5.59 7.15 -5.87
N GLU A 261 -5.86 5.90 -5.45
CA GLU A 261 -4.81 4.92 -5.14
C GLU A 261 -4.32 4.35 -6.47
N LYS A 262 -3.20 4.85 -6.95
CA LYS A 262 -2.67 4.44 -8.24
C LYS A 262 -1.16 4.38 -8.11
N ILE A 263 -0.60 3.21 -8.37
CA ILE A 263 0.85 3.06 -8.30
C ILE A 263 1.48 3.61 -9.57
N ILE A 264 2.49 4.45 -9.43
CA ILE A 264 3.19 5.05 -10.56
C ILE A 264 4.58 4.44 -10.66
N GLU A 265 5.04 4.24 -11.88
CA GLU A 265 6.33 3.59 -12.16
C GLU A 265 7.29 4.61 -12.77
N GLY A 266 8.21 5.10 -11.96
CA GLY A 266 9.27 5.94 -12.50
C GLY A 266 8.75 7.32 -12.80
N ASP A 267 9.02 7.77 -14.03
CA ASP A 267 8.58 9.07 -14.52
C ASP A 267 7.25 8.99 -15.26
N GLU A 268 6.56 7.85 -15.19
CA GLU A 268 5.21 7.70 -15.73
C GLU A 268 4.30 8.80 -15.22
N ARG A 269 3.36 9.22 -16.06
CA ARG A 269 2.37 10.20 -15.71
C ARG A 269 0.97 9.61 -15.92
N MET A 270 0.03 10.07 -15.10
CA MET A 270 -1.36 9.68 -15.24
C MET A 270 -2.03 10.52 -16.34
N PRO A 271 -3.18 10.09 -16.85
CA PRO A 271 -3.88 10.91 -17.82
C PRO A 271 -4.25 12.25 -17.21
N PRO A 272 -3.87 13.35 -17.87
CA PRO A 272 -4.08 14.68 -17.28
C PRO A 272 -5.55 15.09 -17.18
N GLN A 273 -6.43 14.47 -17.98
CA GLN A 273 -7.84 14.83 -17.99
C GLN A 273 -8.58 14.32 -16.77
N TRP A 274 -8.04 13.30 -16.09
CA TRP A 274 -8.55 12.83 -14.82
C TRP A 274 -8.75 14.00 -13.87
N PRO A 275 -10.00 14.25 -13.39
CA PRO A 275 -10.30 15.38 -12.47
C PRO A 275 -9.97 15.06 -11.02
N ILE A 276 -8.67 14.87 -10.76
CA ILE A 276 -8.22 14.37 -9.47
C ILE A 276 -7.20 15.35 -8.89
N ALA A 277 -7.02 15.26 -7.57
CA ALA A 277 -5.99 16.01 -6.87
C ALA A 277 -4.63 15.34 -6.96
N GLY A 278 -4.59 14.04 -7.28
CA GLY A 278 -3.38 13.24 -7.34
C GLY A 278 -3.60 11.87 -6.72
N THR A 279 -2.51 11.30 -6.17
CA THR A 279 -2.50 9.94 -5.65
C THR A 279 -2.47 9.97 -4.12
N THR A 280 -2.47 8.77 -3.52
CA THR A 280 -2.44 8.62 -2.07
C THR A 280 -1.03 8.67 -1.49
N GLY A 281 -0.01 8.89 -2.32
CA GLY A 281 1.29 9.31 -1.84
C GLY A 281 2.48 8.42 -2.17
N TYR A 282 2.29 7.21 -2.73
CA TYR A 282 3.41 6.28 -2.78
C TYR A 282 4.54 6.73 -3.71
N ASP A 283 4.25 7.61 -4.70
CA ASP A 283 5.33 8.14 -5.53
C ASP A 283 6.28 9.00 -4.69
N ALA A 284 5.73 9.76 -3.74
CA ALA A 284 6.54 10.56 -2.83
C ALA A 284 7.31 9.69 -1.85
N LEU A 285 6.68 8.63 -1.34
CA LEU A 285 7.37 7.74 -0.42
C LEU A 285 8.69 7.27 -1.01
N ALA A 286 8.67 6.90 -2.29
CA ALA A 286 9.83 6.30 -2.93
C ALA A 286 11.06 7.19 -2.86
N GLY A 287 10.87 8.50 -3.00
CA GLY A 287 12.00 9.43 -3.08
C GLY A 287 12.53 9.83 -1.72
N ILE A 288 11.61 10.00 -0.78
CA ILE A 288 12.00 10.30 0.59
C ILE A 288 12.90 9.20 1.16
N ASP A 289 12.52 7.95 0.96
CA ASP A 289 13.32 6.84 1.47
C ASP A 289 14.67 6.78 0.75
N ARG A 290 14.69 7.02 -0.56
CA ARG A 290 15.91 6.81 -1.32
C ARG A 290 16.95 7.91 -1.10
N VAL A 291 16.55 9.08 -0.59
CA VAL A 291 17.51 10.13 -0.29
C VAL A 291 18.23 9.87 1.01
N LEU A 292 17.75 8.89 1.79
CA LEU A 292 18.35 8.47 3.05
C LEU A 292 19.19 7.21 2.93
N VAL A 293 19.28 6.62 1.74
CA VAL A 293 20.06 5.41 1.53
C VAL A 293 21.48 5.80 1.15
N ASP A 294 22.45 5.29 1.89
CA ASP A 294 23.84 5.49 1.48
C ASP A 294 24.07 4.73 0.19
N PRO A 295 24.34 5.40 -0.93
CA PRO A 295 24.49 4.69 -2.21
C PRO A 295 25.63 3.69 -2.23
N ALA A 296 26.64 3.86 -1.38
CA ALA A 296 27.79 2.96 -1.41
C ALA A 296 27.45 1.56 -0.91
N GLY A 297 26.29 1.36 -0.30
CA GLY A 297 25.87 0.05 0.11
C GLY A 297 25.28 -0.79 -1.00
N GLU A 298 25.10 -0.23 -2.20
CA GLU A 298 24.39 -0.95 -3.25
C GLU A 298 25.09 -2.25 -3.61
N HIS A 299 26.39 -2.21 -3.84
CA HIS A 299 27.01 -3.44 -4.31
C HIS A 299 27.33 -4.39 -3.16
N PRO A 300 27.80 -3.91 -2.01
CA PRO A 300 27.95 -4.84 -0.87
C PRO A 300 26.68 -5.57 -0.49
N LEU A 301 25.56 -4.84 -0.36
CA LEU A 301 24.33 -5.48 0.10
C LEU A 301 23.74 -6.38 -0.97
N THR A 302 24.02 -6.13 -2.24
CA THR A 302 23.56 -7.03 -3.28
C THR A 302 24.32 -8.34 -3.22
N GLN A 303 25.65 -8.25 -3.05
CA GLN A 303 26.45 -9.47 -2.99
C GLN A 303 26.07 -10.35 -1.80
N ILE A 304 25.54 -9.77 -0.72
CA ILE A 304 25.05 -10.59 0.39
C ILE A 304 23.90 -11.48 -0.07
N VAL A 305 23.04 -10.95 -0.96
CA VAL A 305 21.94 -11.76 -1.46
C VAL A 305 22.43 -12.72 -2.54
N ASP A 306 23.28 -12.22 -3.44
CA ASP A 306 23.74 -13.03 -4.55
C ASP A 306 24.53 -14.25 -4.07
N GLU A 307 25.40 -14.06 -3.07
CA GLU A 307 26.15 -15.19 -2.52
C GLU A 307 25.22 -16.19 -1.85
N ALA A 308 24.15 -15.70 -1.22
CA ALA A 308 23.21 -16.61 -0.58
C ALA A 308 22.37 -17.35 -1.61
N ALA A 309 21.96 -16.68 -2.68
CA ALA A 309 21.15 -17.35 -3.68
C ALA A 309 21.96 -18.26 -4.59
N GLY A 310 23.30 -18.13 -4.60
CA GLY A 310 24.16 -18.95 -5.43
C GLY A 310 24.17 -18.58 -6.89
N SER A 311 23.70 -17.37 -7.22
CA SER A 311 23.22 -16.95 -8.51
C SER A 311 22.71 -15.53 -8.34
N PRO A 312 23.14 -14.59 -9.19
CA PRO A 312 22.65 -13.21 -9.06
C PRO A 312 21.13 -13.09 -9.05
N ARG A 313 20.61 -12.44 -8.00
CA ARG A 313 19.23 -11.94 -7.98
C ARG A 313 19.19 -10.61 -8.70
N ARG A 314 18.70 -10.62 -9.92
CA ARG A 314 18.62 -9.40 -10.71
C ARG A 314 17.16 -8.99 -10.86
N TRP A 315 16.85 -7.75 -10.48
CA TRP A 315 15.48 -7.27 -10.60
C TRP A 315 14.97 -7.34 -12.03
N ALA A 316 15.87 -7.25 -13.02
CA ALA A 316 15.45 -7.28 -14.42
C ALA A 316 14.99 -8.66 -14.87
N GLU A 317 15.42 -9.73 -14.17
CA GLU A 317 14.93 -11.08 -14.39
C GLU A 317 13.75 -11.41 -13.48
N LEU A 318 13.85 -10.97 -12.23
CA LEU A 318 12.85 -11.29 -11.21
C LEU A 318 11.45 -10.86 -11.64
N VAL A 319 11.33 -9.62 -12.15
CA VAL A 319 10.01 -9.07 -12.43
C VAL A 319 9.32 -9.83 -13.56
N PRO A 320 9.91 -9.93 -14.76
CA PRO A 320 9.28 -10.76 -15.80
C PRO A 320 8.99 -12.19 -15.36
N GLU A 321 9.95 -12.83 -14.67
CA GLU A 321 9.79 -14.22 -14.26
C GLU A 321 8.58 -14.41 -13.35
N ARG A 322 8.40 -13.50 -12.39
CA ARG A 322 7.32 -13.68 -11.42
C ARG A 322 5.98 -13.21 -11.97
N LYS A 323 6.00 -12.23 -12.88
CA LYS A 323 4.78 -11.84 -13.57
C LYS A 323 4.29 -12.96 -14.48
N ARG A 324 5.20 -13.54 -15.27
CA ARG A 324 4.90 -14.74 -16.05
C ARG A 324 4.26 -15.80 -15.17
N ALA A 325 4.78 -15.96 -13.96
CA ALA A 325 4.40 -17.09 -13.11
C ALA A 325 2.97 -16.97 -12.59
N VAL A 326 2.58 -15.76 -12.16
CA VAL A 326 1.21 -15.56 -11.69
C VAL A 326 0.22 -15.43 -12.84
N ALA A 327 0.67 -14.99 -14.03
CA ALA A 327 -0.20 -15.05 -15.20
C ALA A 327 -0.52 -16.48 -15.57
N ARG A 328 0.43 -17.38 -15.39
CA ARG A 328 0.21 -18.78 -15.66
C ARG A 328 -0.35 -19.53 -14.47
N GLY A 329 -0.29 -18.95 -13.27
CA GLY A 329 -0.77 -19.58 -12.06
C GLY A 329 -2.05 -19.01 -11.49
N ILE A 330 -1.95 -18.31 -10.36
CA ILE A 330 -3.16 -17.90 -9.63
C ILE A 330 -4.01 -16.89 -10.39
N LEU A 331 -3.45 -16.20 -11.40
CA LEU A 331 -4.24 -15.25 -12.18
C LEU A 331 -4.56 -15.76 -13.58
N ASN A 332 -4.53 -17.08 -13.79
CA ASN A 332 -4.72 -17.63 -15.13
C ASN A 332 -6.16 -17.51 -15.63
N SER A 333 -7.15 -17.63 -14.72
CA SER A 333 -8.55 -17.45 -15.14
C SER A 333 -8.74 -16.11 -15.84
N GLU A 334 -8.04 -15.08 -15.36
CA GLU A 334 -8.06 -13.77 -15.98
C GLU A 334 -7.41 -13.80 -17.37
N ILE A 335 -6.22 -14.41 -17.47
CA ILE A 335 -5.53 -14.49 -18.76
C ILE A 335 -6.37 -15.29 -19.75
N ARG A 336 -6.88 -16.45 -19.31
CA ARG A 336 -7.69 -17.28 -20.20
C ARG A 336 -8.93 -16.54 -20.69
N ARG A 337 -9.52 -15.68 -19.84
CA ARG A 337 -10.72 -14.97 -20.26
C ARG A 337 -10.40 -13.92 -21.32
N VAL A 338 -9.29 -13.19 -21.17
CA VAL A 338 -8.87 -12.26 -22.21
C VAL A 338 -8.62 -13.01 -23.53
N ALA A 339 -8.05 -14.21 -23.44
CA ALA A 339 -7.82 -15.03 -24.64
C ALA A 339 -9.13 -15.44 -25.30
N ARG A 340 -10.16 -15.78 -24.51
CA ARG A 340 -11.45 -16.15 -25.09
C ARG A 340 -12.05 -14.99 -25.88
N GLU A 341 -11.94 -13.76 -25.35
CA GLU A 341 -12.50 -12.59 -26.03
C GLU A 341 -11.71 -12.19 -27.26
N LEU A 342 -10.44 -12.55 -27.35
CA LEU A 342 -9.64 -12.27 -28.53
C LEU A 342 -9.98 -13.19 -29.69
N GLY A 343 -10.55 -14.37 -29.41
CA GLY A 343 -10.75 -15.36 -30.44
C GLY A 343 -9.40 -15.92 -30.85
N GLU A 344 -9.40 -16.63 -31.97
CA GLU A 344 -8.19 -17.26 -32.46
C GLU A 344 -7.38 -16.27 -33.30
N VAL A 345 -7.08 -15.12 -32.68
CA VAL A 345 -6.33 -14.03 -33.33
C VAL A 345 -5.09 -14.59 -34.00
N ALA A 346 -4.31 -15.36 -33.25
CA ALA A 346 -3.11 -15.99 -33.76
C ALA A 346 -3.01 -17.36 -33.11
N GLY A 347 -1.80 -17.92 -33.08
CA GLY A 347 -1.58 -19.25 -32.56
C GLY A 347 -1.73 -19.30 -31.06
N ASP A 348 -0.62 -19.17 -30.34
CA ASP A 348 -0.62 -19.31 -28.88
C ASP A 348 -0.94 -17.94 -28.28
N VAL A 349 -2.25 -17.66 -28.17
CA VAL A 349 -2.71 -16.35 -27.71
C VAL A 349 -2.38 -16.15 -26.24
N GLU A 350 -2.57 -17.19 -25.40
CA GLU A 350 -2.29 -17.06 -23.97
C GLU A 350 -0.82 -16.77 -23.72
N ASP A 351 0.07 -17.52 -24.37
CA ASP A 351 1.51 -17.28 -24.20
C ASP A 351 1.90 -15.90 -24.72
N ALA A 352 1.21 -15.41 -25.75
CA ALA A 352 1.41 -14.04 -26.19
C ALA A 352 1.01 -13.06 -25.09
N LEU A 353 -0.16 -13.27 -24.48
CA LEU A 353 -0.62 -12.40 -23.40
C LEU A 353 0.35 -12.41 -22.23
N VAL A 354 0.66 -13.60 -21.70
CA VAL A 354 1.57 -13.74 -20.57
C VAL A 354 2.87 -12.97 -20.82
N GLU A 355 3.38 -13.01 -22.06
CA GLU A 355 4.63 -12.33 -22.36
C GLU A 355 4.47 -10.82 -22.36
N ILE A 356 3.32 -10.31 -22.84
CA ILE A 356 3.08 -8.88 -22.87
C ILE A 356 2.87 -8.32 -21.47
N ALA A 357 2.07 -9.00 -20.65
CA ALA A 357 1.89 -8.61 -19.27
C ALA A 357 3.21 -8.68 -18.49
N ALA A 358 4.03 -9.70 -18.78
CA ALA A 358 5.31 -9.77 -18.08
C ALA A 358 6.17 -8.56 -18.41
N ALA A 359 6.20 -8.15 -19.69
CA ALA A 359 7.12 -7.08 -20.10
C ALA A 359 6.56 -5.68 -19.88
N LEU A 360 5.25 -5.57 -19.62
CA LEU A 360 4.62 -4.27 -19.44
C LEU A 360 5.18 -3.57 -18.20
N SER A 361 5.68 -2.36 -18.41
CA SER A 361 6.40 -1.61 -17.39
C SER A 361 5.52 -0.65 -16.61
N VAL A 362 4.22 -0.63 -16.87
CA VAL A 362 3.25 0.13 -16.08
C VAL A 362 2.19 -0.85 -15.59
N TYR A 363 1.41 -0.42 -14.60
CA TYR A 363 0.33 -1.27 -14.13
C TYR A 363 -0.73 -1.49 -15.20
N ARG A 364 -0.98 -0.50 -16.05
CA ARG A 364 -1.93 -0.63 -17.14
C ARG A 364 -1.85 0.60 -18.01
N SER A 365 -2.30 0.45 -19.24
CA SER A 365 -2.55 1.59 -20.11
C SER A 365 -3.94 2.16 -19.81
N TYR A 366 -4.27 3.25 -20.51
CA TYR A 366 -5.56 3.92 -20.40
C TYR A 366 -5.99 4.38 -21.79
N LEU A 367 -6.12 3.40 -22.69
CA LEU A 367 -6.09 3.65 -24.13
C LEU A 367 -7.21 4.61 -24.54
N PRO A 368 -6.92 5.57 -25.45
CA PRO A 368 -5.70 5.70 -26.26
C PRO A 368 -4.46 6.22 -25.51
N PHE A 369 -4.60 6.55 -24.23
CA PHE A 369 -3.48 7.07 -23.47
C PHE A 369 -2.57 5.94 -23.02
N GLY A 370 -1.26 6.16 -23.11
CA GLY A 370 -0.32 5.14 -22.70
C GLY A 370 -0.13 4.02 -23.69
N ARG A 371 -0.51 4.25 -24.96
CA ARG A 371 -0.21 3.27 -26.00
C ARG A 371 1.28 2.99 -26.10
N GLU A 372 2.11 4.01 -25.85
CA GLU A 372 3.55 3.79 -25.85
C GLU A 372 3.91 2.62 -24.96
N HIS A 373 3.29 2.54 -23.77
CA HIS A 373 3.68 1.48 -22.84
C HIS A 373 3.35 0.11 -23.40
N LEU A 374 2.17 -0.05 -24.00
CA LEU A 374 1.82 -1.31 -24.62
C LEU A 374 2.73 -1.64 -25.80
N ASP A 375 3.00 -0.64 -26.64
CA ASP A 375 3.89 -0.82 -27.79
C ASP A 375 5.24 -1.37 -27.37
N GLU A 376 5.85 -0.77 -26.33
CA GLU A 376 7.17 -1.20 -25.87
C GLU A 376 7.13 -2.56 -25.18
N ALA A 377 6.03 -2.87 -24.48
CA ALA A 377 5.85 -4.21 -23.95
C ALA A 377 5.85 -5.24 -25.07
N VAL A 378 5.05 -5.00 -26.11
CA VAL A 378 4.97 -5.96 -27.22
C VAL A 378 6.34 -6.17 -27.83
N ALA A 379 7.08 -5.09 -28.05
CA ALA A 379 8.40 -5.21 -28.65
C ALA A 379 9.35 -5.97 -27.74
N ALA A 380 9.34 -5.63 -26.45
CA ALA A 380 10.19 -6.32 -25.49
C ALA A 380 9.81 -7.80 -25.37
N ALA A 381 8.52 -8.12 -25.47
CA ALA A 381 8.10 -9.52 -25.47
C ALA A 381 8.60 -10.24 -26.71
N GLN A 382 8.64 -9.56 -27.85
CA GLN A 382 9.17 -10.17 -29.07
C GLN A 382 10.66 -10.46 -28.99
N ALA A 383 11.40 -9.74 -28.15
CA ALA A 383 12.83 -10.01 -28.00
C ALA A 383 13.08 -11.08 -26.96
N ALA A 384 12.32 -11.09 -25.86
CA ALA A 384 12.45 -12.15 -24.86
C ALA A 384 11.90 -13.49 -25.36
N ALA A 385 11.08 -13.49 -26.42
CA ALA A 385 10.41 -14.71 -26.87
C ALA A 385 10.19 -14.63 -28.38
N PRO A 386 11.28 -14.71 -29.17
CA PRO A 386 11.15 -14.53 -30.62
C PRO A 386 10.37 -15.64 -31.28
N GLN A 387 10.25 -16.79 -30.63
CA GLN A 387 9.35 -17.87 -31.04
C GLN A 387 7.92 -17.40 -31.29
N LEU A 388 7.47 -16.31 -30.64
CA LEU A 388 6.11 -15.81 -30.79
C LEU A 388 6.06 -14.43 -31.43
N GLU A 389 7.05 -14.11 -32.26
CA GLU A 389 7.11 -12.77 -32.85
C GLU A 389 5.84 -12.44 -33.64
N ALA A 390 5.38 -13.38 -34.46
CA ALA A 390 4.14 -13.20 -35.20
C ALA A 390 2.94 -13.09 -34.26
N ASP A 391 2.83 -14.02 -33.30
CA ASP A 391 1.68 -14.05 -32.41
C ASP A 391 1.58 -12.77 -31.58
N LEU A 392 2.71 -12.36 -30.98
CA LEU A 392 2.73 -11.13 -30.18
C LEU A 392 2.30 -9.92 -31.00
N ALA A 393 2.72 -9.87 -32.26
CA ALA A 393 2.36 -8.73 -33.10
C ALA A 393 0.84 -8.65 -33.31
N ALA A 394 0.21 -9.78 -33.64
CA ALA A 394 -1.22 -9.75 -33.89
C ALA A 394 -2.01 -9.58 -32.61
N VAL A 395 -1.54 -10.15 -31.50
CA VAL A 395 -2.23 -9.98 -30.22
C VAL A 395 -2.04 -8.57 -29.71
N GLY A 396 -0.83 -8.03 -29.82
CA GLY A 396 -0.60 -6.66 -29.41
C GLY A 396 -1.40 -5.67 -30.25
N ALA A 397 -1.55 -5.97 -31.54
CA ALA A 397 -2.38 -5.12 -32.40
C ALA A 397 -3.81 -5.05 -31.89
N ALA A 398 -4.36 -6.19 -31.45
CA ALA A 398 -5.72 -6.20 -30.92
C ALA A 398 -5.79 -5.44 -29.59
N LEU A 399 -4.79 -5.65 -28.73
CA LEU A 399 -4.78 -5.04 -27.42
C LEU A 399 -4.70 -3.52 -27.48
N ALA A 400 -4.44 -2.94 -28.66
CA ALA A 400 -4.25 -1.51 -28.81
C ALA A 400 -5.53 -0.77 -29.20
N ASP A 401 -6.62 -1.49 -29.43
CA ASP A 401 -7.86 -0.93 -29.95
C ASP A 401 -8.88 -0.84 -28.82
N PRO A 402 -9.14 0.36 -28.25
CA PRO A 402 -10.08 0.45 -27.12
C PRO A 402 -11.50 0.03 -27.47
N GLY A 403 -11.73 -0.30 -28.74
CA GLY A 403 -13.00 -0.85 -29.16
C GLY A 403 -13.13 -2.35 -28.98
N ASN A 404 -12.00 -3.07 -28.87
CA ASN A 404 -12.00 -4.50 -28.58
C ASN A 404 -12.18 -4.76 -27.10
N PRO A 405 -13.22 -5.49 -26.68
CA PRO A 405 -13.41 -5.72 -25.24
C PRO A 405 -12.21 -6.35 -24.59
N ALA A 406 -11.40 -7.11 -25.36
CA ALA A 406 -10.22 -7.76 -24.78
C ALA A 406 -9.15 -6.76 -24.43
N ALA A 407 -8.95 -5.76 -25.28
CA ALA A 407 -8.02 -4.68 -24.98
C ALA A 407 -8.37 -4.01 -23.65
N LEU A 408 -9.67 -3.83 -23.38
CA LEU A 408 -10.10 -3.21 -22.13
C LEU A 408 -9.96 -4.17 -20.96
N ARG A 409 -10.30 -5.45 -21.16
CA ARG A 409 -10.16 -6.40 -20.05
C ARG A 409 -8.70 -6.59 -19.68
N PHE A 410 -7.81 -6.64 -20.68
CA PHE A 410 -6.38 -6.73 -20.41
C PHE A 410 -5.92 -5.62 -19.46
N GLN A 411 -6.38 -4.39 -19.71
CA GLN A 411 -6.04 -3.27 -18.83
C GLN A 411 -6.57 -3.48 -17.42
N GLN A 412 -7.69 -4.21 -17.27
CA GLN A 412 -8.18 -4.56 -15.95
C GLN A 412 -7.36 -5.67 -15.30
N THR A 413 -6.59 -6.43 -16.10
CA THR A 413 -5.80 -7.58 -15.68
C THR A 413 -4.33 -7.24 -15.46
N SER A 414 -3.76 -6.34 -16.25
CA SER A 414 -2.35 -6.04 -16.07
C SER A 414 -2.13 -5.29 -14.76
N GLY A 415 -3.12 -4.49 -14.28
CA GLY A 415 -3.14 -4.05 -12.90
C GLY A 415 -2.77 -5.19 -11.92
N MET A 416 -3.46 -6.34 -12.01
CA MET A 416 -3.32 -7.37 -10.98
C MET A 416 -2.10 -8.27 -11.18
N ILE A 417 -1.63 -8.44 -12.41
CA ILE A 417 -0.43 -9.27 -12.57
C ILE A 417 0.77 -8.56 -11.95
N MET A 418 0.83 -7.24 -12.08
CA MET A 418 1.91 -6.48 -11.47
C MET A 418 1.85 -6.58 -9.94
N ALA A 419 0.69 -6.32 -9.34
CA ALA A 419 0.62 -6.31 -7.89
C ALA A 419 0.91 -7.70 -7.30
N LYS A 420 0.29 -8.74 -7.86
CA LYS A 420 0.47 -10.08 -7.30
C LYS A 420 1.82 -10.70 -7.65
N GLY A 421 2.47 -10.24 -8.72
CA GLY A 421 3.73 -10.81 -9.11
C GLY A 421 4.91 -10.05 -8.54
N VAL A 422 4.79 -8.73 -8.44
CA VAL A 422 5.90 -7.89 -8.02
C VAL A 422 5.79 -7.50 -6.55
N GLU A 423 4.68 -6.88 -6.17
CA GLU A 423 4.52 -6.42 -4.78
C GLU A 423 4.47 -7.59 -3.81
N ASP A 424 3.69 -8.62 -4.13
CA ASP A 424 3.38 -9.70 -3.19
C ASP A 424 4.24 -10.93 -3.42
N ASN A 425 5.32 -10.81 -4.20
CA ASN A 425 6.15 -11.95 -4.57
C ASN A 425 7.59 -11.52 -4.82
N ALA A 426 7.85 -10.91 -5.98
CA ALA A 426 9.21 -10.53 -6.33
C ALA A 426 9.88 -9.69 -5.23
N PHE A 427 9.12 -8.79 -4.60
CA PHE A 427 9.64 -8.04 -3.46
C PHE A 427 10.33 -8.95 -2.46
N TYR A 428 9.65 -10.03 -2.08
CA TYR A 428 10.10 -10.94 -1.04
C TYR A 428 11.21 -11.87 -1.50
N ARG A 429 11.70 -11.65 -2.72
CA ARG A 429 12.83 -12.38 -3.26
C ARG A 429 14.01 -11.47 -3.54
N TYR A 430 13.89 -10.18 -3.25
CA TYR A 430 14.91 -9.19 -3.58
C TYR A 430 15.23 -8.37 -2.34
N PRO A 431 15.78 -9.00 -1.30
CA PRO A 431 15.82 -8.32 0.00
C PRO A 431 17.14 -7.62 0.27
N ARG A 432 17.92 -7.26 -0.77
CA ARG A 432 19.22 -6.64 -0.51
C ARG A 432 19.08 -5.45 0.42
N LEU A 433 17.97 -4.72 0.35
CA LEU A 433 17.62 -3.72 1.35
C LEU A 433 16.10 -3.64 1.39
N THR A 434 15.47 -4.28 2.38
CA THR A 434 14.03 -4.46 2.31
C THR A 434 13.24 -3.16 2.49
N SER A 435 13.87 -2.07 2.94
CA SER A 435 13.10 -0.82 2.98
C SER A 435 12.77 -0.31 1.57
N LEU A 436 13.56 -0.70 0.57
CA LEU A 436 13.29 -0.28 -0.81
C LEU A 436 12.24 -1.14 -1.50
N THR A 437 11.97 -2.35 -1.01
CA THR A 437 10.84 -3.15 -1.49
C THR A 437 9.59 -2.65 -0.77
N GLU A 438 8.98 -1.62 -1.33
CA GLU A 438 7.83 -0.95 -0.75
C GLU A 438 6.86 -0.54 -1.85
N VAL A 439 5.59 -0.50 -1.51
CA VAL A 439 4.54 -0.15 -2.47
C VAL A 439 4.87 1.19 -3.14
N GLY A 440 5.11 1.15 -4.43
CA GLY A 440 5.39 2.36 -5.17
C GLY A 440 6.83 2.57 -5.52
N GLY A 441 7.72 1.71 -5.03
CA GLY A 441 9.14 1.85 -5.27
C GLY A 441 9.65 0.91 -6.35
N ASP A 442 10.78 1.33 -6.96
CA ASP A 442 11.63 0.55 -7.85
C ASP A 442 12.83 0.07 -7.03
N PRO A 443 12.83 -1.18 -6.54
CA PRO A 443 13.96 -1.66 -5.73
C PRO A 443 15.30 -1.66 -6.47
N SER A 444 15.28 -1.65 -7.81
CA SER A 444 16.51 -1.59 -8.61
C SER A 444 17.24 -0.26 -8.39
N LEU A 445 16.50 0.76 -7.95
CA LEU A 445 16.96 2.14 -7.72
C LEU A 445 17.35 2.29 -6.25
N PHE A 446 18.63 2.08 -5.98
CA PHE A 446 19.09 1.93 -4.60
C PHE A 446 18.98 3.24 -3.84
N ALA A 447 19.22 4.36 -4.52
CA ALA A 447 19.37 5.64 -3.85
C ALA A 447 19.26 6.75 -4.89
N ILE A 448 18.90 7.94 -4.41
CA ILE A 448 18.90 9.14 -5.23
C ILE A 448 19.61 10.24 -4.44
N ASP A 449 20.39 11.06 -5.14
CA ASP A 449 21.11 12.12 -4.45
C ASP A 449 20.17 13.30 -4.16
N ALA A 450 20.67 14.28 -3.41
CA ALA A 450 19.82 15.42 -3.03
C ALA A 450 19.28 16.14 -4.27
N ALA A 451 20.11 16.31 -5.29
CA ALA A 451 19.66 16.98 -6.51
C ALA A 451 18.44 16.28 -7.11
N ALA A 452 18.45 14.94 -7.06
CA ALA A 452 17.34 14.14 -7.58
C ALA A 452 16.12 14.22 -6.66
N PHE A 453 16.37 14.24 -5.35
CA PHE A 453 15.29 14.45 -4.39
C PHE A 453 14.59 15.77 -4.67
N HIS A 454 15.37 16.86 -4.82
CA HIS A 454 14.76 18.18 -5.01
C HIS A 454 14.00 18.25 -6.33
N ALA A 455 14.55 17.64 -7.38
CA ALA A 455 13.81 17.58 -8.64
C ALA A 455 12.46 16.91 -8.45
N ALA A 456 12.41 15.81 -7.69
CA ALA A 456 11.14 15.14 -7.49
C ALA A 456 10.14 16.04 -6.76
N GLN A 457 10.59 16.76 -5.74
CA GLN A 457 9.71 17.71 -5.07
C GLN A 457 9.23 18.80 -6.02
N ARG A 458 10.14 19.32 -6.83
CA ARG A 458 9.76 20.35 -7.80
C ARG A 458 8.71 19.83 -8.78
N ASP A 459 8.87 18.59 -9.27
CA ASP A 459 7.90 18.04 -10.20
C ASP A 459 6.51 17.93 -9.58
N ARG A 460 6.43 17.46 -8.32
CA ARG A 460 5.12 17.38 -7.67
C ARG A 460 4.52 18.76 -7.48
N ALA A 461 5.34 19.77 -7.13
CA ALA A 461 4.80 21.13 -7.04
C ALA A 461 4.25 21.63 -8.38
N ALA A 462 4.84 21.18 -9.49
CA ALA A 462 4.47 21.68 -10.80
C ALA A 462 3.19 21.04 -11.33
N ARG A 463 3.06 19.69 -11.21
CA ARG A 463 1.97 18.94 -11.80
C ARG A 463 1.01 18.28 -10.81
N LEU A 464 1.39 18.14 -9.55
CA LEU A 464 0.54 17.42 -8.61
C LEU A 464 0.52 18.14 -7.26
N PRO A 465 0.33 19.46 -7.24
CA PRO A 465 0.56 20.21 -5.99
C PRO A 465 -0.39 19.84 -4.88
N GLU A 466 -1.57 19.30 -5.20
CA GLU A 466 -2.58 18.93 -4.22
C GLU A 466 -2.51 17.45 -3.87
N SER A 467 -1.61 16.71 -4.52
CA SER A 467 -1.52 15.26 -4.38
C SER A 467 -1.02 14.89 -2.98
N MET A 468 -1.42 13.70 -2.53
CA MET A 468 -0.90 13.24 -1.25
C MET A 468 0.56 12.82 -1.38
N THR A 469 1.30 13.01 -0.28
CA THR A 469 2.53 12.31 0.01
C THR A 469 2.29 11.42 1.22
N THR A 470 3.07 10.34 1.33
CA THR A 470 2.80 9.39 2.41
C THR A 470 4.05 8.58 2.73
N LEU A 471 4.13 8.12 3.97
CA LEU A 471 5.22 7.26 4.40
C LEU A 471 4.73 5.94 4.97
N THR A 472 3.54 5.90 5.56
CA THR A 472 2.89 4.68 6.00
C THR A 472 1.45 4.69 5.55
N THR A 473 1.01 3.55 5.02
CA THR A 473 -0.42 3.33 4.82
C THR A 473 -0.76 1.99 5.45
N HIS A 474 -2.05 1.68 5.43
CA HIS A 474 -2.53 0.37 5.83
C HIS A 474 -2.10 -0.74 4.86
N ASP A 475 -1.44 -0.40 3.76
CA ASP A 475 -1.01 -1.40 2.79
C ASP A 475 0.50 -1.48 2.62
N THR A 476 1.28 -0.64 3.31
CA THR A 476 2.73 -0.69 3.17
C THR A 476 3.27 -2.02 3.70
N LYS A 477 4.39 -2.43 3.11
CA LYS A 477 5.01 -3.69 3.52
C LYS A 477 5.68 -3.55 4.88
N ARG A 478 6.33 -2.41 5.13
CA ARG A 478 6.91 -2.11 6.43
C ARG A 478 6.59 -0.64 6.74
N SER A 479 6.19 -0.37 7.98
CA SER A 479 5.80 0.99 8.35
C SER A 479 7.04 1.90 8.43
N GLU A 480 6.79 3.22 8.56
CA GLU A 480 7.84 4.22 8.27
C GLU A 480 9.08 4.07 9.17
N ASP A 481 8.91 3.81 10.47
CA ASP A 481 10.12 3.70 11.30
C ASP A 481 10.79 2.33 11.23
N THR A 482 10.06 1.27 10.86
CA THR A 482 10.73 0.04 10.50
C THR A 482 11.68 0.24 9.33
N ARG A 483 11.24 0.96 8.30
CA ARG A 483 12.12 1.19 7.18
C ARG A 483 13.25 2.14 7.56
N ALA A 484 12.98 3.08 8.48
CA ALA A 484 13.99 4.08 8.82
C ALA A 484 15.24 3.43 9.40
N ARG A 485 15.07 2.44 10.28
CA ARG A 485 16.19 1.72 10.85
C ARG A 485 16.82 0.76 9.85
N ILE A 486 16.00 0.05 9.07
CA ILE A 486 16.54 -0.87 8.07
C ILE A 486 17.50 -0.15 7.14
N THR A 487 17.12 1.07 6.72
CA THR A 487 17.85 1.86 5.73
C THR A 487 19.28 2.17 6.18
N ALA A 488 19.52 2.18 7.50
CA ALA A 488 20.86 2.42 8.00
C ALA A 488 21.84 1.30 7.62
N LEU A 489 21.33 0.12 7.25
CA LEU A 489 22.20 -0.98 6.88
C LEU A 489 23.00 -0.67 5.62
N ALA A 490 22.51 0.24 4.76
CA ALA A 490 23.28 0.67 3.60
C ALA A 490 24.54 1.43 3.99
N GLU A 491 24.55 2.01 5.19
CA GLU A 491 25.73 2.65 5.71
C GLU A 491 26.71 1.65 6.32
N ALA A 492 26.22 0.48 6.73
CA ALA A 492 27.03 -0.50 7.45
C ALA A 492 26.88 -1.89 6.83
N PRO A 493 27.11 -2.02 5.52
CA PRO A 493 26.88 -3.33 4.90
C PRO A 493 27.76 -4.41 5.50
N GLU A 494 29.01 -4.06 5.80
CA GLU A 494 29.94 -5.05 6.35
C GLU A 494 29.52 -5.45 7.77
N ARG A 495 29.05 -4.50 8.58
CA ARG A 495 28.49 -4.84 9.90
C ARG A 495 27.32 -5.80 9.74
N TRP A 496 26.48 -5.56 8.73
CA TRP A 496 25.32 -6.42 8.49
C TRP A 496 25.75 -7.83 8.09
N ARG A 497 26.74 -7.94 7.19
CA ARG A 497 27.26 -9.25 6.82
C ARG A 497 27.74 -9.98 8.07
N ARG A 498 28.54 -9.30 8.89
CA ARG A 498 28.97 -9.87 10.16
C ARG A 498 27.79 -10.36 11.00
N PHE A 499 26.72 -9.56 11.12
CA PHE A 499 25.59 -9.95 11.97
C PHE A 499 24.92 -11.21 11.44
N LEU A 500 24.54 -11.19 10.16
CA LEU A 500 23.94 -12.36 9.52
C LEU A 500 24.78 -13.61 9.76
N THR A 501 26.10 -13.47 9.60
CA THR A 501 27.01 -14.59 9.80
C THR A 501 26.98 -15.06 11.24
N GLU A 502 27.10 -14.12 12.18
CA GLU A 502 27.21 -14.49 13.59
C GLU A 502 25.92 -15.13 14.07
N VAL A 503 24.78 -14.51 13.75
CA VAL A 503 23.52 -15.05 14.22
C VAL A 503 23.08 -16.24 13.37
N GLY A 504 23.56 -16.34 12.12
CA GLY A 504 23.23 -17.49 11.28
C GLY A 504 24.03 -18.74 11.59
N GLY A 505 25.18 -18.60 12.26
CA GLY A 505 25.86 -19.74 12.81
C GLY A 505 25.23 -20.30 14.06
N LEU A 506 24.09 -19.74 14.47
CA LEU A 506 23.34 -20.13 15.66
C LEU A 506 22.00 -20.76 15.33
N ILE A 507 21.30 -20.24 14.33
CA ILE A 507 20.00 -20.78 13.93
C ILE A 507 19.71 -20.34 12.50
N GLY A 508 19.14 -21.26 11.73
CA GLY A 508 18.83 -21.00 10.34
C GLY A 508 17.69 -21.89 9.87
N THR A 509 17.29 -21.67 8.61
CA THR A 509 16.16 -22.38 8.03
C THR A 509 16.49 -23.18 6.76
N GLY A 510 17.60 -22.89 6.10
CA GLY A 510 17.88 -23.44 4.79
C GLY A 510 17.69 -22.46 3.66
N ASP A 511 17.02 -21.34 3.91
CA ASP A 511 16.82 -20.24 2.96
C ASP A 511 17.54 -18.99 3.48
N ARG A 512 18.85 -18.89 3.20
CA ARG A 512 19.60 -17.74 3.71
C ARG A 512 19.14 -16.43 3.07
N VAL A 513 18.52 -16.48 1.91
CA VAL A 513 18.01 -15.26 1.30
C VAL A 513 16.82 -14.73 2.09
N LEU A 514 15.83 -15.60 2.35
CA LEU A 514 14.70 -15.20 3.19
C LEU A 514 15.15 -14.79 4.58
N GLU A 515 16.25 -15.35 5.08
CA GLU A 515 16.69 -15.01 6.43
C GLU A 515 17.23 -13.58 6.48
N ASN A 516 17.92 -13.13 5.43
CA ASN A 516 18.27 -11.72 5.30
C ASN A 516 17.03 -10.82 5.44
N LEU A 517 15.94 -11.18 4.75
CA LEU A 517 14.70 -10.41 4.85
C LEU A 517 14.16 -10.42 6.27
N ILE A 518 14.12 -11.60 6.89
CA ILE A 518 13.50 -11.73 8.22
C ILE A 518 14.30 -10.96 9.27
N TRP A 519 15.62 -11.14 9.30
CA TRP A 519 16.45 -10.44 10.27
C TRP A 519 16.36 -8.94 10.09
N GLN A 520 16.24 -8.49 8.84
CA GLN A 520 16.02 -7.07 8.59
C GLN A 520 14.72 -6.60 9.23
N ALA A 521 13.64 -7.38 9.12
CA ALA A 521 12.39 -6.99 9.75
C ALA A 521 12.49 -7.09 11.26
N ILE A 522 13.13 -8.13 11.78
CA ILE A 522 13.28 -8.21 13.24
C ILE A 522 14.12 -7.03 13.74
N VAL A 523 15.25 -6.77 13.09
CA VAL A 523 16.09 -5.65 13.51
C VAL A 523 15.33 -4.32 13.41
N GLY A 524 14.58 -4.13 12.32
CA GLY A 524 13.87 -2.88 12.13
C GLY A 524 12.69 -2.68 13.06
N ALA A 525 12.01 -3.77 13.44
CA ALA A 525 10.82 -3.67 14.28
C ALA A 525 11.15 -3.77 15.76
N TRP A 526 12.40 -4.02 16.11
CA TRP A 526 12.73 -4.35 17.49
C TRP A 526 12.54 -3.13 18.39
N PRO A 527 11.92 -3.27 19.56
CA PRO A 527 11.43 -4.54 20.11
C PRO A 527 10.01 -4.93 19.65
N ALA A 528 9.82 -6.21 19.35
CA ALA A 528 8.56 -6.76 18.86
C ALA A 528 8.32 -8.12 19.48
N SER A 529 7.04 -8.42 19.73
CA SER A 529 6.68 -9.69 20.37
C SER A 529 6.96 -10.87 19.46
N ARG A 530 7.18 -12.03 20.09
CA ARG A 530 7.36 -13.26 19.31
C ARG A 530 6.15 -13.52 18.42
N GLU A 531 4.93 -13.34 18.96
CA GLU A 531 3.71 -13.57 18.21
C GLU A 531 3.69 -12.77 16.91
N ARG A 532 4.02 -11.48 17.00
CA ARG A 532 4.02 -10.60 15.84
C ARG A 532 5.09 -11.00 14.83
N LEU A 533 6.30 -11.31 15.33
CA LEU A 533 7.40 -11.65 14.43
C LEU A 533 7.16 -13.01 13.77
N GLU A 534 6.59 -13.95 14.52
CA GLU A 534 6.26 -15.25 13.94
C GLU A 534 5.23 -15.10 12.83
N ALA A 535 4.18 -14.31 13.08
CA ALA A 535 3.16 -14.06 12.06
C ALA A 535 3.79 -13.44 10.83
N TYR A 536 4.61 -12.41 11.03
CA TYR A 536 5.25 -11.76 9.90
C TYR A 536 6.11 -12.76 9.13
N ALA A 537 6.92 -13.54 9.84
CA ALA A 537 7.83 -14.49 9.19
C ALA A 537 7.07 -15.48 8.31
N LEU A 538 5.98 -16.07 8.82
CA LEU A 538 5.21 -17.01 8.00
C LEU A 538 4.62 -16.29 6.77
N LYS A 539 4.12 -15.06 6.95
CA LYS A 539 3.52 -14.37 5.81
C LYS A 539 4.58 -13.99 4.78
N ALA A 540 5.73 -13.49 5.24
CA ALA A 540 6.81 -13.17 4.30
C ALA A 540 7.27 -14.41 3.55
N ALA A 541 7.41 -15.53 4.25
CA ALA A 541 7.89 -16.74 3.60
C ALA A 541 6.90 -17.24 2.55
N ARG A 542 5.60 -17.14 2.83
CA ARG A 542 4.59 -17.56 1.86
C ARG A 542 4.53 -16.61 0.67
N GLU A 543 4.57 -15.30 0.92
CA GLU A 543 4.59 -14.34 -0.18
C GLU A 543 5.76 -14.60 -1.11
N ALA A 544 6.93 -14.89 -0.54
CA ALA A 544 8.11 -15.15 -1.35
C ALA A 544 7.94 -16.41 -2.19
N GLY A 545 7.25 -17.41 -1.63
CA GLY A 545 6.90 -18.61 -2.37
C GLY A 545 8.03 -19.57 -2.69
N GLU A 546 9.23 -19.38 -2.15
CA GLU A 546 10.36 -20.23 -2.51
C GLU A 546 10.44 -21.47 -1.61
N SER A 547 10.32 -21.27 -0.29
CA SER A 547 10.50 -22.36 0.66
C SER A 547 9.20 -22.82 1.30
N THR A 548 8.11 -22.06 1.11
CA THR A 548 6.77 -22.43 1.49
C THR A 548 5.84 -21.61 0.62
N ASP A 549 4.54 -21.86 0.73
CA ASP A 549 3.59 -21.20 -0.14
C ASP A 549 2.27 -21.03 0.58
N TRP A 550 1.41 -20.20 0.01
CA TRP A 550 0.04 -20.09 0.50
C TRP A 550 -0.83 -21.29 0.11
N ILE A 551 -0.52 -22.00 -0.97
CA ILE A 551 -1.36 -23.11 -1.45
C ILE A 551 -0.94 -24.44 -0.85
N ASP A 552 0.36 -24.76 -0.94
CA ASP A 552 0.88 -26.07 -0.58
C ASP A 552 2.15 -25.82 0.23
N GLY A 553 1.95 -25.47 1.50
CA GLY A 553 3.07 -25.03 2.31
C GLY A 553 4.00 -26.15 2.67
N ASP A 554 5.16 -25.77 3.20
CA ASP A 554 6.11 -26.70 3.80
C ASP A 554 6.02 -26.54 5.31
N PRO A 555 5.24 -27.38 6.01
CA PRO A 555 5.14 -27.23 7.47
C PRO A 555 6.46 -27.39 8.18
N ALA A 556 7.33 -28.29 7.70
CA ALA A 556 8.63 -28.47 8.32
C ALA A 556 9.46 -27.20 8.18
N PHE A 557 9.43 -26.58 7.00
CA PHE A 557 10.15 -25.32 6.84
C PHE A 557 9.55 -24.25 7.73
N GLU A 558 8.23 -24.10 7.69
CA GLU A 558 7.59 -23.07 8.49
C GLU A 558 7.91 -23.21 9.97
N GLU A 559 8.07 -24.44 10.45
CA GLU A 559 8.44 -24.62 11.85
C GLU A 559 9.91 -24.30 12.10
N ARG A 560 10.76 -24.44 11.07
CA ARG A 560 12.12 -23.94 11.21
C ARG A 560 12.13 -22.42 11.28
N LEU A 561 11.27 -21.78 10.49
CA LEU A 561 11.14 -20.32 10.55
C LEU A 561 10.57 -19.88 11.90
N THR A 562 9.56 -20.60 12.39
CA THR A 562 9.03 -20.31 13.72
C THR A 562 10.10 -20.42 14.79
N ARG A 563 10.96 -21.43 14.72
CA ARG A 563 11.92 -21.51 15.82
C ARG A 563 13.08 -20.54 15.60
N LEU A 564 13.27 -20.01 14.39
CA LEU A 564 14.17 -18.86 14.23
C LEU A 564 13.69 -17.66 15.05
N VAL A 565 12.45 -17.22 14.83
CA VAL A 565 11.99 -16.04 15.57
C VAL A 565 11.91 -16.33 17.07
N THR A 566 11.58 -17.58 17.45
CA THR A 566 11.54 -17.87 18.88
C THR A 566 12.93 -17.79 19.49
N VAL A 567 13.93 -18.31 18.77
CA VAL A 567 15.30 -18.19 19.25
C VAL A 567 15.74 -16.73 19.31
N ALA A 568 15.26 -15.90 18.38
CA ALA A 568 15.66 -14.50 18.37
C ALA A 568 15.11 -13.74 19.56
N VAL A 569 13.93 -14.13 20.04
CA VAL A 569 13.34 -13.43 21.17
C VAL A 569 13.84 -14.00 22.50
N GLU A 570 14.00 -15.32 22.59
CA GLU A 570 14.14 -15.98 23.90
C GLU A 570 15.54 -16.52 24.19
N GLU A 571 16.36 -16.83 23.18
CA GLU A 571 17.66 -17.48 23.45
C GLU A 571 18.72 -16.44 23.80
N PRO A 572 19.45 -16.62 24.90
CA PRO A 572 20.37 -15.57 25.41
C PRO A 572 21.38 -15.01 24.41
N LEU A 573 22.08 -15.86 23.64
CA LEU A 573 23.18 -15.34 22.81
C LEU A 573 22.66 -14.74 21.52
N VAL A 574 21.69 -15.38 20.88
CA VAL A 574 21.05 -14.78 19.71
C VAL A 574 20.42 -13.44 20.09
N HIS A 575 19.72 -13.41 21.22
CA HIS A 575 19.03 -12.19 21.64
C HIS A 575 20.02 -11.07 21.92
N GLU A 576 21.14 -11.38 22.59
CA GLU A 576 22.14 -10.36 22.87
C GLU A 576 22.75 -9.81 21.59
N LEU A 577 23.08 -10.70 20.66
CA LEU A 577 23.58 -10.27 19.35
C LEU A 577 22.60 -9.33 18.67
N LEU A 578 21.31 -9.64 18.77
CA LEU A 578 20.28 -8.82 18.15
C LEU A 578 20.12 -7.49 18.89
N GLU A 579 20.11 -7.52 20.23
CA GLU A 579 20.00 -6.28 20.99
C GLU A 579 21.18 -5.37 20.73
N ARG A 580 22.39 -5.96 20.64
CA ARG A 580 23.58 -5.15 20.42
C ARG A 580 23.53 -4.47 19.06
N LEU A 581 23.12 -5.19 18.01
CA LEU A 581 23.04 -4.56 16.70
C LEU A 581 21.95 -3.49 16.68
N VAL A 582 20.82 -3.77 17.31
CA VAL A 582 19.75 -2.77 17.36
C VAL A 582 20.26 -1.50 18.04
N ASP A 583 20.96 -1.64 19.17
CA ASP A 583 21.53 -0.47 19.83
C ASP A 583 22.43 0.31 18.89
N GLU A 584 23.33 -0.38 18.18
CA GLU A 584 24.22 0.32 17.26
C GLU A 584 23.46 1.12 16.22
N LEU A 585 22.28 0.65 15.82
CA LEU A 585 21.53 1.33 14.77
C LEU A 585 20.49 2.29 15.33
N THR A 586 20.28 2.32 16.65
CA THR A 586 19.07 2.95 17.18
C THR A 586 19.05 4.45 16.90
N ALA A 587 20.17 5.14 17.15
CA ALA A 587 20.23 6.58 16.88
C ALA A 587 20.14 6.87 15.38
N ALA A 588 20.78 6.03 14.55
CA ALA A 588 20.70 6.22 13.12
C ALA A 588 19.26 6.12 12.62
N GLY A 589 18.53 5.09 13.07
CA GLY A 589 17.15 4.94 12.65
C GLY A 589 16.23 6.05 13.13
N TYR A 590 16.44 6.49 14.38
CA TYR A 590 15.72 7.66 14.88
C TYR A 590 15.97 8.86 13.98
N SER A 591 17.23 9.12 13.66
CA SER A 591 17.56 10.26 12.82
C SER A 591 16.95 10.09 11.42
N ASN A 592 17.02 8.87 10.86
CA ASN A 592 16.39 8.63 9.57
C ASN A 592 14.87 8.79 9.64
N GLY A 593 14.26 8.32 10.73
CA GLY A 593 12.82 8.42 10.87
C GLY A 593 12.36 9.86 11.01
N LEU A 594 13.07 10.65 11.81
CA LEU A 594 12.73 12.06 11.93
C LEU A 594 13.01 12.79 10.62
N ALA A 595 14.09 12.45 9.94
CA ALA A 595 14.41 13.10 8.67
C ALA A 595 13.29 12.86 7.66
N ALA A 596 12.85 11.61 7.53
CA ALA A 596 11.76 11.30 6.62
C ALA A 596 10.50 12.07 7.01
N LYS A 597 10.11 11.99 8.29
CA LYS A 597 8.86 12.60 8.72
C LYS A 597 8.85 14.10 8.47
N LEU A 598 9.94 14.79 8.81
CA LEU A 598 9.96 16.24 8.65
C LEU A 598 9.97 16.64 7.19
N LEU A 599 10.82 15.99 6.39
CA LEU A 599 10.89 16.29 4.96
C LEU A 599 9.55 16.08 4.27
N GLN A 600 8.86 14.98 4.57
CA GLN A 600 7.57 14.71 3.95
C GLN A 600 6.53 15.74 4.35
N LEU A 601 6.49 16.11 5.63
CA LEU A 601 5.41 16.95 6.14
C LEU A 601 5.50 18.39 5.64
N LEU A 602 6.69 18.84 5.21
CA LEU A 602 6.85 20.17 4.63
C LEU A 602 7.08 20.14 3.14
N ALA A 603 7.20 18.97 2.52
CA ALA A 603 7.43 18.89 1.08
C ALA A 603 6.17 19.34 0.34
N PRO A 604 6.30 19.72 -0.93
CA PRO A 604 5.11 20.04 -1.73
C PRO A 604 4.15 18.88 -1.74
N GLY A 605 2.86 19.20 -1.62
CA GLY A 605 1.77 18.23 -1.63
C GLY A 605 0.93 18.32 -0.37
N THR A 606 0.03 17.36 -0.22
CA THR A 606 -0.76 17.26 0.99
C THR A 606 -0.25 16.07 1.77
N PRO A 607 0.47 16.28 2.87
CA PRO A 607 1.03 15.15 3.60
C PRO A 607 -0.06 14.35 4.28
N ASP A 608 0.02 13.03 4.13
CA ASP A 608 -0.87 12.11 4.80
C ASP A 608 -0.17 11.54 6.04
N VAL A 609 -0.86 11.51 7.17
CA VAL A 609 -0.30 11.00 8.42
C VAL A 609 -1.13 9.78 8.80
N TYR A 610 -0.50 8.61 8.81
CA TYR A 610 -1.19 7.41 9.23
C TYR A 610 -1.43 7.43 10.73
N GLN A 611 -2.59 6.89 11.14
CA GLN A 611 -2.94 6.80 12.55
C GLN A 611 -1.75 6.36 13.39
N GLY A 612 -1.47 7.16 14.42
CA GLY A 612 -0.47 6.87 15.43
C GLY A 612 0.97 7.11 15.03
N THR A 613 1.25 7.60 13.82
CA THR A 613 2.63 7.74 13.39
C THR A 613 3.25 9.05 13.87
N GLU A 614 2.54 9.80 14.73
CA GLU A 614 3.18 10.89 15.45
C GLU A 614 4.10 10.37 16.54
N ARG A 615 4.06 9.08 16.82
CA ARG A 615 5.07 8.37 17.58
C ARG A 615 5.74 7.35 16.67
N TRP A 616 6.73 6.63 17.18
CA TRP A 616 7.41 5.66 16.33
C TRP A 616 6.39 4.59 15.92
N ASP A 617 6.44 4.21 14.64
CA ASP A 617 5.62 3.11 14.10
C ASP A 617 6.57 2.08 13.53
N ARG A 618 6.81 1.01 14.29
CA ARG A 618 7.65 -0.07 13.81
C ARG A 618 6.79 -1.27 13.46
N SER A 619 5.79 -1.05 12.62
CA SER A 619 4.92 -2.15 12.25
C SER A 619 5.45 -2.85 11.01
N LEU A 620 4.95 -4.05 10.79
CA LEU A 620 5.27 -4.80 9.60
C LEU A 620 4.04 -4.83 8.69
N VAL A 621 3.93 -5.84 7.85
CA VAL A 621 2.88 -5.90 6.83
C VAL A 621 1.52 -6.20 7.47
N ASP A 622 0.46 -5.79 6.76
CA ASP A 622 -0.94 -6.15 7.03
C ASP A 622 -1.00 -7.56 7.59
N PRO A 623 -1.53 -7.73 8.82
CA PRO A 623 -2.22 -6.69 9.57
C PRO A 623 -1.44 -6.05 10.72
N ASP A 624 -0.12 -6.23 10.78
CA ASP A 624 0.61 -5.61 11.88
C ASP A 624 0.54 -4.09 11.83
N ASN A 625 0.40 -3.51 10.63
CA ASN A 625 0.27 -2.05 10.50
C ASN A 625 -1.14 -1.57 10.74
N ARG A 626 -1.99 -2.38 11.33
CA ARG A 626 -3.37 -2.00 11.62
C ARG A 626 -3.69 -2.31 13.07
N ARG A 627 -2.69 -2.27 13.94
CA ARG A 627 -2.95 -2.54 15.35
C ARG A 627 -3.76 -1.38 15.95
N PRO A 628 -4.42 -1.59 17.09
CA PRO A 628 -5.11 -0.49 17.77
C PRO A 628 -4.15 0.62 18.14
N VAL A 629 -4.62 1.87 18.03
CA VAL A 629 -3.79 3.05 18.26
C VAL A 629 -4.16 3.68 19.59
N ASP A 630 -3.14 3.88 20.45
CA ASP A 630 -3.33 4.45 21.80
C ASP A 630 -3.33 5.97 21.66
N PHE A 631 -4.50 6.51 21.28
CA PHE A 631 -4.61 7.96 21.13
C PHE A 631 -4.50 8.64 22.49
N ALA A 632 -4.93 7.96 23.55
CA ALA A 632 -4.78 8.50 24.89
C ALA A 632 -3.33 8.78 25.21
N ALA A 633 -2.46 7.80 24.97
CA ALA A 633 -1.04 8.00 25.24
C ALA A 633 -0.49 9.14 24.41
N ALA A 634 -0.88 9.22 23.14
CA ALA A 634 -0.35 10.27 22.29
C ALA A 634 -0.75 11.63 22.81
N SER A 635 -2.03 11.78 23.20
CA SER A 635 -2.48 13.07 23.74
C SER A 635 -1.71 13.45 25.00
N GLU A 636 -1.50 12.49 25.90
CA GLU A 636 -0.76 12.77 27.12
C GLU A 636 0.64 13.24 26.78
N LEU A 637 1.28 12.55 25.82
CA LEU A 637 2.58 12.96 25.33
C LEU A 637 2.54 14.39 24.82
N LEU A 638 1.59 14.67 23.91
CA LEU A 638 1.51 16.00 23.32
C LEU A 638 1.27 17.06 24.40
N ASP A 639 0.48 16.74 25.43
CA ASP A 639 0.22 17.75 26.45
C ASP A 639 1.46 18.04 27.25
N ARG A 640 2.34 17.06 27.37
CA ARG A 640 3.62 17.32 28.01
C ARG A 640 4.43 18.26 27.16
N LEU A 641 4.46 18.00 25.85
CA LEU A 641 5.20 18.86 24.94
C LEU A 641 4.65 20.28 24.92
N ASP A 642 3.32 20.42 24.92
CA ASP A 642 2.75 21.76 24.95
C ASP A 642 2.98 22.43 26.29
N GLY A 643 3.19 21.65 27.34
CA GLY A 643 3.53 22.15 28.65
C GLY A 643 4.99 22.52 28.81
N GLY A 644 5.79 22.43 27.74
CA GLY A 644 7.12 22.99 27.72
C GLY A 644 8.24 21.98 27.92
N TRP A 645 7.92 20.74 28.24
CA TRP A 645 8.93 19.67 28.25
C TRP A 645 9.59 19.53 26.90
N ARG A 646 10.93 19.49 26.90
CA ARG A 646 11.63 19.19 25.65
C ARG A 646 12.34 17.85 25.78
N PRO A 647 11.93 16.87 24.99
CA PRO A 647 12.29 15.48 25.29
C PRO A 647 13.64 15.13 24.70
N PRO A 648 14.25 14.06 25.19
CA PRO A 648 15.40 13.49 24.48
C PRO A 648 14.91 12.66 23.32
N VAL A 649 15.83 12.38 22.40
CA VAL A 649 15.53 11.39 21.37
C VAL A 649 15.55 10.03 22.06
N ASP A 650 14.37 9.45 22.26
CA ASP A 650 14.29 8.22 23.03
C ASP A 650 13.09 7.42 22.53
N GLU A 651 12.87 6.27 23.17
CA GLU A 651 11.92 5.27 22.68
C GLU A 651 10.46 5.65 22.96
N THR A 652 10.22 6.76 23.68
CA THR A 652 8.84 7.18 23.91
C THR A 652 8.23 7.80 22.67
N GLY A 653 9.04 8.19 21.68
CA GLY A 653 8.56 8.85 20.49
C GLY A 653 8.30 10.33 20.65
N ALA A 654 8.51 10.86 21.86
CA ALA A 654 8.13 12.25 22.13
C ALA A 654 8.72 13.21 21.12
N VAL A 655 9.98 13.00 20.74
CA VAL A 655 10.61 13.92 19.80
C VAL A 655 9.92 13.84 18.45
N LYS A 656 9.38 12.68 18.10
CA LYS A 656 8.61 12.57 16.86
C LYS A 656 7.30 13.32 16.98
N THR A 657 6.62 13.17 18.12
CA THR A 657 5.37 13.90 18.32
C THR A 657 5.61 15.40 18.26
N LEU A 658 6.73 15.86 18.81
CA LEU A 658 7.12 17.26 18.69
C LEU A 658 7.28 17.65 17.22
N VAL A 659 8.07 16.88 16.46
CA VAL A 659 8.29 17.23 15.05
C VAL A 659 6.97 17.22 14.29
N VAL A 660 6.15 16.18 14.47
CA VAL A 660 4.93 16.06 13.68
C VAL A 660 3.96 17.19 14.02
N SER A 661 3.72 17.41 15.31
CA SER A 661 2.78 18.43 15.74
C SER A 661 3.24 19.82 15.33
N ARG A 662 4.54 20.10 15.41
CA ARG A 662 4.97 21.45 15.07
C ARG A 662 4.88 21.69 13.57
N ALA A 663 5.22 20.69 12.76
CA ALA A 663 5.12 20.84 11.30
C ALA A 663 3.67 20.83 10.81
N LEU A 664 2.80 20.03 11.43
CA LEU A 664 1.40 20.04 11.02
C LEU A 664 0.74 21.39 11.31
N ARG A 665 0.87 21.87 12.55
CA ARG A 665 0.29 23.16 12.93
C ARG A 665 0.80 24.27 12.03
N LEU A 666 2.12 24.38 11.90
CA LEU A 666 2.73 25.40 11.07
C LEU A 666 2.12 25.42 9.68
N ARG A 667 2.05 24.25 9.06
CA ARG A 667 1.50 24.19 7.71
C ARG A 667 0.01 24.48 7.71
N ARG A 668 -0.70 24.10 8.77
CA ARG A 668 -2.13 24.33 8.81
C ARG A 668 -2.47 25.78 9.13
N ASP A 669 -1.82 26.35 10.15
CA ASP A 669 -2.21 27.63 10.72
C ASP A 669 -1.42 28.82 10.19
N ARG A 670 -0.27 28.60 9.56
CA ARG A 670 0.54 29.68 8.98
C ARG A 670 0.87 29.35 7.54
N PRO A 671 -0.15 29.17 6.70
CA PRO A 671 0.11 28.68 5.34
C PRO A 671 0.76 29.73 4.46
N GLU A 672 0.70 31.00 4.86
CA GLU A 672 1.42 32.04 4.14
C GLU A 672 2.91 31.76 4.07
N LEU A 673 3.44 30.88 4.92
CA LEU A 673 4.84 30.49 4.91
C LEU A 673 5.22 29.51 3.80
N PHE A 674 4.25 28.95 3.07
CA PHE A 674 4.51 27.88 2.10
C PHE A 674 4.12 28.34 0.69
N THR A 675 5.06 28.97 -0.02
CA THR A 675 4.80 29.62 -1.30
C THR A 675 5.70 29.18 -2.44
N ALA A 676 6.83 28.52 -2.14
CA ALA A 676 7.78 28.09 -3.15
C ALA A 676 8.50 26.84 -2.66
N TYR A 677 9.56 26.46 -3.37
CA TYR A 677 10.38 25.32 -2.99
C TYR A 677 11.81 25.61 -3.46
N HIS A 678 12.73 25.74 -2.50
CA HIS A 678 14.13 26.04 -2.79
C HIS A 678 15.01 25.08 -2.02
N PRO A 679 15.87 24.31 -2.69
CA PRO A 679 16.83 23.50 -1.96
C PRO A 679 17.68 24.37 -1.05
N VAL A 680 18.05 23.79 0.08
CA VAL A 680 18.94 24.41 1.05
C VAL A 680 20.12 23.47 1.16
N THR A 681 21.28 23.90 0.70
CA THR A 681 22.48 23.08 0.74
C THR A 681 23.49 23.70 1.70
N ALA A 682 24.29 22.84 2.30
CA ALA A 682 25.23 23.24 3.32
C ALA A 682 26.60 23.46 2.69
N ARG A 683 27.58 23.73 3.54
CA ARG A 683 28.91 24.17 3.12
C ARG A 683 29.90 23.58 4.11
N GLY A 684 30.84 22.76 3.64
CA GLY A 684 31.89 22.33 4.54
C GLY A 684 32.09 20.82 4.52
N ALA A 685 32.86 20.35 5.51
CA ALA A 685 33.34 18.97 5.52
C ALA A 685 32.21 17.97 5.42
N GLN A 686 31.08 18.24 6.05
CA GLN A 686 29.98 17.28 6.10
C GLN A 686 28.71 17.82 5.44
N ALA A 687 28.85 18.74 4.48
CA ALA A 687 27.67 19.32 3.86
C ALA A 687 26.78 18.26 3.21
N GLU A 688 27.39 17.20 2.70
CA GLU A 688 26.65 16.10 2.09
C GLU A 688 25.58 15.52 3.03
N HIS A 689 25.76 15.65 4.35
CA HIS A 689 24.86 15.05 5.33
C HIS A 689 23.66 15.92 5.66
N LEU A 690 23.60 17.14 5.15
CA LEU A 690 22.46 18.02 5.37
C LEU A 690 21.55 17.96 4.15
N ILE A 691 20.29 17.57 4.35
CA ILE A 691 19.28 17.56 3.30
C ILE A 691 18.15 18.45 3.76
N GLY A 692 17.75 19.39 2.92
CA GLY A 692 16.71 20.31 3.37
C GLY A 692 16.25 21.20 2.25
N PHE A 693 15.19 21.95 2.56
CA PHE A 693 14.62 22.88 1.59
C PHE A 693 13.87 23.98 2.33
N ASP A 694 13.71 25.09 1.60
CA ASP A 694 12.97 26.27 2.05
C ASP A 694 11.67 26.31 1.25
N ARG A 695 10.55 26.49 1.96
CA ARG A 695 9.24 26.60 1.31
C ARG A 695 8.77 28.06 1.19
N GLY A 696 9.52 29.02 1.71
CA GLY A 696 9.04 30.39 1.73
C GLY A 696 9.46 31.14 2.96
N GLY A 697 8.91 30.73 4.11
CA GLY A 697 9.36 31.21 5.40
C GLY A 697 9.53 30.09 6.39
N ALA A 698 9.49 28.85 5.91
CA ALA A 698 9.66 27.65 6.72
C ALA A 698 10.69 26.77 6.03
N ILE A 699 11.71 26.38 6.78
CA ILE A 699 12.81 25.59 6.24
C ILE A 699 12.84 24.26 6.99
N ALA A 700 12.80 23.16 6.25
CA ALA A 700 12.97 21.83 6.81
C ALA A 700 14.43 21.44 6.66
N LEU A 701 15.08 21.12 7.78
CA LEU A 701 16.49 20.75 7.78
C LEU A 701 16.63 19.39 8.44
N ALA A 702 17.24 18.44 7.73
CA ALA A 702 17.37 17.09 8.25
C ALA A 702 18.77 16.53 7.98
N THR A 703 19.01 15.36 8.56
CA THR A 703 20.26 14.66 8.44
C THR A 703 20.05 13.43 7.57
N ARG A 704 20.97 13.20 6.65
CA ARG A 704 21.03 11.93 5.95
C ARG A 704 22.38 11.29 6.23
N LEU A 705 22.39 9.95 6.19
CA LEU A 705 23.57 9.14 6.42
C LEU A 705 24.13 9.43 7.81
N PRO A 706 23.36 9.17 8.87
CA PRO A 706 23.82 9.58 10.20
C PRO A 706 25.01 8.79 10.71
N LEU A 707 25.13 7.51 10.32
CA LEU A 707 26.24 6.68 10.79
C LEU A 707 27.57 7.22 10.30
N GLY A 708 27.63 7.61 9.02
CA GLY A 708 28.85 8.16 8.46
C GLY A 708 29.18 9.52 9.03
N LEU A 709 28.15 10.31 9.35
CA LEU A 709 28.34 11.58 10.05
C LEU A 709 29.07 11.37 11.38
N ALA A 710 28.52 10.46 12.21
CA ALA A 710 29.15 10.19 13.50
C ALA A 710 30.56 9.67 13.32
N ALA A 711 30.77 8.78 12.34
CA ALA A 711 32.10 8.24 12.08
C ALA A 711 33.08 9.34 11.73
N ALA A 712 32.62 10.40 11.05
CA ALA A 712 33.47 11.52 10.70
C ALA A 712 33.68 12.50 11.85
N GLY A 713 33.06 12.27 13.00
CA GLY A 713 33.26 13.13 14.15
C GLY A 713 32.19 14.17 14.37
N GLY A 714 31.07 14.09 13.66
CA GLY A 714 30.02 15.05 13.81
C GLY A 714 30.10 16.12 12.74
N TRP A 715 29.27 17.14 12.93
CA TRP A 715 29.11 18.15 11.89
C TRP A 715 30.36 19.00 11.70
N GLY A 716 31.29 18.98 12.65
CA GLY A 716 32.47 19.80 12.48
C GLY A 716 32.08 21.24 12.29
N ASP A 717 32.67 21.87 11.27
CA ASP A 717 32.46 23.29 11.00
C ASP A 717 31.60 23.51 9.78
N THR A 718 30.76 22.52 9.48
CA THR A 718 29.77 22.62 8.41
C THR A 718 28.74 23.69 8.72
N VAL A 719 28.42 24.54 7.74
CA VAL A 719 27.44 25.59 7.92
C VAL A 719 26.33 25.49 6.88
N VAL A 720 25.20 26.11 7.21
CA VAL A 720 24.09 26.34 6.29
C VAL A 720 23.87 27.84 6.16
N ASP A 721 23.68 28.30 4.93
CA ASP A 721 23.30 29.68 4.65
C ASP A 721 21.79 29.77 4.65
N VAL A 722 21.24 30.58 5.55
CA VAL A 722 19.79 30.67 5.72
C VAL A 722 19.24 31.98 5.25
N GLY A 723 20.09 32.88 4.77
CA GLY A 723 19.67 34.15 4.26
C GLY A 723 20.15 35.29 5.14
N GLU A 724 19.96 36.49 4.64
CA GLU A 724 20.10 37.68 5.46
C GLU A 724 19.01 37.80 6.51
N ARG A 725 18.02 36.94 6.44
CA ARG A 725 16.88 36.88 7.36
C ARG A 725 17.25 36.21 8.67
N SER A 726 16.38 36.39 9.66
CA SER A 726 16.56 35.77 10.96
C SER A 726 15.46 34.75 11.16
N LEU A 727 15.83 33.49 11.44
CA LEU A 727 14.87 32.41 11.65
C LEU A 727 14.96 31.85 13.07
N ARG A 728 13.88 31.14 13.45
CA ARG A 728 13.76 30.51 14.75
C ARG A 728 13.27 29.06 14.56
N ASP A 729 13.86 28.14 15.32
CA ASP A 729 13.54 26.72 15.26
C ASP A 729 12.31 26.41 16.12
N GLU A 730 11.25 25.89 15.50
CA GLU A 730 10.03 25.55 16.24
C GLU A 730 10.24 24.45 17.26
N LEU A 731 11.22 23.59 17.05
CA LEU A 731 11.48 22.48 17.95
C LEU A 731 12.25 22.88 19.20
N THR A 732 13.02 23.98 19.15
CA THR A 732 13.90 24.35 20.27
C THR A 732 13.79 25.80 20.70
N GLY A 733 13.29 26.69 19.84
CA GLY A 733 13.38 28.11 20.09
C GLY A 733 14.71 28.71 19.71
N ARG A 734 15.67 27.91 19.26
CA ARG A 734 16.99 28.42 18.93
C ARG A 734 16.93 29.27 17.66
N GLU A 735 17.62 30.40 17.69
CA GLU A 735 17.62 31.34 16.57
C GLU A 735 18.81 31.08 15.66
N ALA A 736 18.65 31.40 14.38
CA ALA A 736 19.69 31.18 13.39
C ALA A 736 19.65 32.30 12.35
N ARG A 737 20.83 32.82 11.99
CA ARG A 737 20.94 33.85 10.97
C ARG A 737 22.25 33.65 10.22
N GLY A 738 22.22 33.92 8.92
CA GLY A 738 23.45 33.92 8.16
C GLY A 738 23.97 32.53 7.93
N ALA A 739 25.27 32.34 8.17
CA ALA A 739 25.90 31.03 8.07
C ALA A 739 25.86 30.40 9.46
N ALA A 740 24.86 29.54 9.67
CA ALA A 740 24.65 28.84 10.93
C ALA A 740 25.37 27.50 10.92
N ARG A 741 26.10 27.21 11.98
CA ARG A 741 26.78 25.92 12.09
C ARG A 741 25.75 24.84 12.34
N VAL A 742 25.79 23.78 11.54
CA VAL A 742 24.83 22.70 11.71
C VAL A 742 24.98 22.06 13.09
N ALA A 743 26.18 22.09 13.67
CA ALA A 743 26.37 21.60 15.03
C ALA A 743 25.50 22.35 16.03
N GLU A 744 25.31 23.66 15.85
CA GLU A 744 24.35 24.40 16.69
C GLU A 744 22.91 24.09 16.28
N LEU A 745 22.62 24.05 14.98
CA LEU A 745 21.25 23.82 14.52
C LEU A 745 20.74 22.46 15.00
N PHE A 746 21.58 21.44 14.91
CA PHE A 746 21.19 20.09 15.28
C PHE A 746 21.74 19.71 16.65
N ALA A 747 21.98 20.73 17.49
CA ALA A 747 22.60 20.48 18.79
C ALA A 747 21.74 19.58 19.67
N ASP A 748 20.43 19.74 19.61
CA ASP A 748 19.48 18.93 20.37
C ASP A 748 18.85 17.80 19.56
N TYR A 749 18.49 18.04 18.31
CA TYR A 749 17.82 17.03 17.49
C TYR A 749 18.49 16.95 16.13
N PRO A 750 18.37 15.79 15.42
CA PRO A 750 18.93 15.68 14.06
C PRO A 750 18.10 16.38 12.99
N VAL A 751 17.08 17.16 13.40
CA VAL A 751 16.26 17.95 12.49
C VAL A 751 16.04 19.32 13.11
N ALA A 752 15.72 20.29 12.25
CA ALA A 752 15.26 21.58 12.74
C ALA A 752 14.26 22.12 11.74
N LEU A 753 13.32 22.92 12.25
CA LEU A 753 12.21 23.45 11.48
C LEU A 753 12.25 24.96 11.70
N LEU A 754 12.92 25.68 10.81
CA LEU A 754 13.19 27.10 10.98
C LEU A 754 12.08 27.95 10.37
N VAL A 755 11.64 28.96 11.12
CA VAL A 755 10.58 29.86 10.70
C VAL A 755 11.11 31.28 10.71
N GLU A 756 10.80 32.02 9.64
CA GLU A 756 11.16 33.44 9.54
C GLU A 756 10.48 34.28 10.64
N THR A 757 11.19 35.30 11.10
CA THR A 757 10.68 36.14 12.19
C THR A 757 10.60 37.65 11.87
#